data_1W3Y
#
_entry.id   1W3Y
#
_cell.length_a   84.131
_cell.length_b   102.714
_cell.length_c   102.410
_cell.angle_alpha   90.00
_cell.angle_beta   90.00
_cell.angle_gamma   90.00
#
_symmetry.space_group_name_H-M   'P 21 21 21'
#
loop_
_entity.id
_entity.type
_entity.pdbx_description
1 polymer 'HYALURONATE LYASE'
2 non-polymer '(2E,4R,5S)-2,3,4,5-TETRAHYDROXY-6-(PALMITOYLOXY)HEX-2-ENOIC ACID'
3 non-polymer Xylitol
4 non-polymer 'SULFATE ION'
5 water water
#
_entity_poly.entity_id   1
_entity_poly.type   'polypeptide(L)'
_entity_poly.pdbx_seq_one_letter_code
;ASVKDTYTDRLDDWNGIIAGNQYYDSKNDQMAKLNQELEGKVADSLSSISSQADRIYLWEKFSNYKTSANLTATYRKLEE
MAKQVTNPSSRYYQDETVVRTVRDSMEWMHKHVYNSEKSIVGNWWDYEIGTPRAINNTLSLMKEYFSDEEIKKYTDVIEK
FVPDPEHFRKTTDNPFKALGGNLVDMGRVKVIAGLLRKDDQEISSTIRSIEQVFKLVDQGEGFYQDGSYIDHTNVAYTGA
YGNVLIDGLSQLLPVIQKTKNPIDKDKMQTMYHWIDKSFAPLLVNGELMDMSRGRSISRANSEGHVAAVEVLRGIHRIAD
MSEGETKQRLQSLVKTIVQSDSYYDVFKNLKTYKDISLMQSLLSDAGVASVPRTSYLSAFNKMDKTAMYNAEKGFGFGLS
LFSSRTLNYEHMNKENKRGWYTSDGMFYLYNGDLSHYSDGYWPTVNPYKMPGTTETDAKRADSDTGKVLPSAFVGTSKLD
DANATATMDFTNWNQTLTAHKSWFMLKDKIAFLGSNIQNTSTDTAATTIDQRKLESSNPYKVYVNDKEASLTEQEKDYPE
TQSVFLESSDSKKNIGYFFFKKSSISMSKALQKGAWKDINEGQSDKEVENEFLTISQAHKQNGDSYGYMLIPNVDRATFN
QMIKELESSLIENNETLQSVYDAKQGVWGIVKYDDSVSTISNQFQVLKRGVYTIRKEGDEYKIAYYNPETQESAPDQEVF
KKLEQHHHHHH
;
_entity_poly.pdbx_strand_id   A
#
# COMPACT_ATOMS: atom_id res chain seq x y z
N VAL A 3 -33.06 10.79 24.13
CA VAL A 3 -33.12 10.19 25.49
C VAL A 3 -31.74 9.66 25.90
N LYS A 4 -31.36 9.94 27.14
CA LYS A 4 -30.07 9.49 27.67
C LYS A 4 -30.15 8.05 28.15
N ASP A 5 -29.24 7.21 27.68
CA ASP A 5 -29.21 5.79 28.05
C ASP A 5 -27.88 5.15 27.66
N THR A 6 -27.79 3.82 27.72
CA THR A 6 -26.55 3.14 27.37
C THR A 6 -26.17 3.35 25.92
N TYR A 7 -27.15 3.55 25.05
CA TYR A 7 -26.87 3.78 23.63
C TYR A 7 -26.14 5.11 23.47
N THR A 8 -26.65 6.15 24.13
CA THR A 8 -26.03 7.47 24.05
C THR A 8 -24.66 7.45 24.72
N ASP A 9 -24.48 6.59 25.71
CA ASP A 9 -23.20 6.46 26.39
C ASP A 9 -22.16 5.97 25.38
N ARG A 10 -22.58 5.04 24.53
CA ARG A 10 -21.70 4.49 23.51
C ARG A 10 -21.44 5.55 22.45
N LEU A 11 -22.45 6.35 22.13
CA LEU A 11 -22.28 7.39 21.13
C LEU A 11 -21.33 8.47 21.65
N ASP A 12 -21.32 8.69 22.97
CA ASP A 12 -20.42 9.67 23.55
C ASP A 12 -18.99 9.18 23.34
N ASP A 13 -18.79 7.87 23.53
CA ASP A 13 -17.46 7.29 23.34
C ASP A 13 -17.06 7.40 21.86
N TRP A 14 -18.03 7.18 20.97
CA TRP A 14 -17.77 7.27 19.54
C TRP A 14 -17.35 8.70 19.18
N ASN A 15 -18.03 9.69 19.77
CA ASN A 15 -17.69 11.08 19.50
C ASN A 15 -16.28 11.40 19.97
N GLY A 16 -15.86 10.79 21.06
CA GLY A 16 -14.52 11.04 21.57
C GLY A 16 -13.47 10.46 20.65
N ILE A 17 -13.90 9.50 19.84
CA ILE A 17 -13.00 8.83 18.89
C ILE A 17 -12.94 9.51 17.52
N ILE A 18 -14.10 9.85 16.97
CA ILE A 18 -14.15 10.48 15.65
C ILE A 18 -13.86 11.97 15.61
N ALA A 19 -13.89 12.63 16.77
CA ALA A 19 -13.61 14.06 16.85
C ALA A 19 -12.71 14.36 18.03
N GLY A 20 -13.12 13.90 19.21
CA GLY A 20 -12.32 14.10 20.42
C GLY A 20 -12.31 15.49 21.03
N ASN A 21 -13.40 16.23 20.86
CA ASN A 21 -13.47 17.58 21.42
C ASN A 21 -13.16 17.63 22.91
N GLN A 22 -13.46 16.55 23.63
CA GLN A 22 -13.21 16.51 25.07
C GLN A 22 -11.71 16.56 25.38
N TYR A 23 -10.88 16.22 24.39
CA TYR A 23 -9.44 16.23 24.58
C TYR A 23 -8.76 17.49 24.08
N TYR A 24 -9.54 18.39 23.46
CA TYR A 24 -8.96 19.60 22.92
C TYR A 24 -8.28 20.50 23.95
N ASP A 25 -7.14 21.05 23.55
CA ASP A 25 -6.34 21.93 24.39
C ASP A 25 -5.80 23.04 23.48
N SER A 26 -6.32 24.26 23.67
CA SER A 26 -5.91 25.40 22.85
C SER A 26 -4.41 25.67 22.92
N LYS A 27 -3.78 25.28 24.03
CA LYS A 27 -2.36 25.50 24.22
C LYS A 27 -1.52 24.41 23.54
N ASN A 28 -2.21 23.41 22.99
CA ASN A 28 -1.55 22.30 22.30
C ASN A 28 -1.40 22.70 20.83
N ASP A 29 -0.16 22.96 20.41
CA ASP A 29 0.13 23.40 19.05
C ASP A 29 -0.44 22.54 17.92
N GLN A 30 -0.23 21.23 17.98
CA GLN A 30 -0.74 20.33 16.93
C GLN A 30 -2.27 20.30 16.90
N MET A 31 -2.89 20.32 18.07
CA MET A 31 -4.35 20.30 18.12
C MET A 31 -4.93 21.60 17.57
N ALA A 32 -4.32 22.73 17.94
CA ALA A 32 -4.79 24.02 17.47
C ALA A 32 -4.72 24.10 15.95
N LYS A 33 -3.74 23.42 15.38
CA LYS A 33 -3.55 23.40 13.93
C LYS A 33 -4.73 22.69 13.26
N LEU A 34 -5.16 21.56 13.82
CA LEU A 34 -6.28 20.82 13.26
C LEU A 34 -7.57 21.63 13.43
N ASN A 35 -7.72 22.24 14.60
CA ASN A 35 -8.91 23.05 14.87
C ASN A 35 -8.99 24.17 13.84
N GLN A 36 -7.86 24.80 13.55
CA GLN A 36 -7.81 25.88 12.58
C GLN A 36 -8.24 25.38 11.20
N GLU A 37 -7.84 24.15 10.87
CA GLU A 37 -8.20 23.56 9.60
C GLU A 37 -9.72 23.40 9.52
N LEU A 38 -10.32 22.89 10.59
CA LEU A 38 -11.76 22.69 10.62
C LEU A 38 -12.51 24.02 10.62
N GLU A 39 -11.97 25.03 11.28
CA GLU A 39 -12.59 26.36 11.31
C GLU A 39 -12.69 26.88 9.88
N GLY A 40 -11.59 26.73 9.14
CA GLY A 40 -11.54 27.19 7.76
C GLY A 40 -12.51 26.47 6.84
N LYS A 41 -12.62 25.15 7.03
CA LYS A 41 -13.53 24.35 6.22
C LYS A 41 -14.98 24.74 6.47
N VAL A 42 -15.33 24.98 7.74
CA VAL A 42 -16.70 25.35 8.07
C VAL A 42 -16.99 26.75 7.53
N ALA A 43 -16.04 27.67 7.67
CA ALA A 43 -16.23 29.02 7.17
C ALA A 43 -16.46 28.99 5.66
N ASP A 44 -15.68 28.17 4.95
CA ASP A 44 -15.84 28.08 3.50
C ASP A 44 -17.22 27.54 3.13
N SER A 45 -17.68 26.54 3.85
CA SER A 45 -18.99 25.94 3.59
C SER A 45 -20.12 26.94 3.85
N LEU A 46 -19.99 27.70 4.94
CA LEU A 46 -21.01 28.67 5.30
C LEU A 46 -21.10 29.87 4.36
N SER A 47 -20.00 30.21 3.72
CA SER A 47 -19.99 31.37 2.82
C SER A 47 -20.37 31.01 1.38
N SER A 48 -20.44 29.72 1.08
CA SER A 48 -20.76 29.28 -0.27
C SER A 48 -22.06 28.48 -0.38
N ILE A 49 -22.64 28.13 0.76
CA ILE A 49 -23.87 27.35 0.74
C ILE A 49 -25.03 28.12 0.11
N SER A 50 -25.77 27.44 -0.77
CA SER A 50 -26.91 28.07 -1.42
C SER A 50 -27.98 28.31 -0.36
N SER A 51 -28.42 29.56 -0.23
CA SER A 51 -29.42 29.91 0.76
C SER A 51 -30.61 30.64 0.14
N GLN A 52 -30.94 30.28 -1.09
CA GLN A 52 -32.07 30.90 -1.79
C GLN A 52 -33.28 30.00 -1.59
N ALA A 53 -34.44 30.45 -2.07
CA ALA A 53 -35.68 29.69 -1.97
C ALA A 53 -35.59 28.50 -2.92
N ASP A 54 -36.22 27.39 -2.52
CA ASP A 54 -36.22 26.17 -3.33
C ASP A 54 -34.97 26.02 -4.19
N ARG A 55 -33.86 25.69 -3.55
CA ARG A 55 -32.58 25.51 -4.22
C ARG A 55 -32.49 24.18 -4.96
N ILE A 56 -31.46 24.03 -5.78
CA ILE A 56 -31.25 22.81 -6.56
C ILE A 56 -30.06 22.02 -6.02
N TYR A 57 -29.30 22.64 -5.14
CA TYR A 57 -28.13 22.01 -4.55
C TYR A 57 -27.65 22.84 -3.36
N LEU A 58 -26.95 22.19 -2.42
CA LEU A 58 -26.44 22.91 -1.26
C LEU A 58 -25.15 23.62 -1.64
N TRP A 59 -24.30 22.93 -2.39
CA TRP A 59 -23.03 23.50 -2.83
C TRP A 59 -22.82 23.21 -4.32
N GLU A 60 -22.50 24.26 -5.07
CA GLU A 60 -22.30 24.14 -6.51
C GLU A 60 -21.16 23.19 -6.88
N LYS A 61 -20.11 23.17 -6.06
CA LYS A 61 -18.98 22.29 -6.31
C LYS A 61 -19.41 20.82 -6.31
N PHE A 62 -20.51 20.53 -5.62
CA PHE A 62 -21.04 19.18 -5.51
C PHE A 62 -22.54 19.25 -5.79
N SER A 63 -22.89 19.79 -6.96
CA SER A 63 -24.29 19.98 -7.35
C SER A 63 -24.93 18.85 -8.15
N ASN A 64 -24.15 18.16 -8.98
CA ASN A 64 -24.71 17.08 -9.78
C ASN A 64 -24.85 15.81 -8.96
N TYR A 65 -26.03 15.60 -8.42
CA TYR A 65 -26.29 14.43 -7.58
C TYR A 65 -26.39 13.12 -8.35
N LYS A 66 -26.04 13.16 -9.63
CA LYS A 66 -26.04 11.96 -10.46
C LYS A 66 -24.70 11.30 -10.18
N THR A 67 -23.74 12.14 -9.80
CA THR A 67 -22.40 11.69 -9.44
C THR A 67 -22.52 11.40 -7.96
N SER A 68 -22.60 10.12 -7.61
CA SER A 68 -22.75 9.71 -6.22
C SER A 68 -21.74 10.34 -5.26
N ALA A 69 -20.54 10.64 -5.76
CA ALA A 69 -19.51 11.24 -4.90
C ALA A 69 -19.98 12.57 -4.30
N ASN A 70 -20.92 13.23 -4.96
CA ASN A 70 -21.44 14.51 -4.49
C ASN A 70 -22.32 14.37 -3.26
N LEU A 71 -22.93 13.20 -3.06
CA LEU A 71 -23.75 12.99 -1.88
C LEU A 71 -22.86 12.92 -0.65
N THR A 72 -21.84 12.07 -0.73
CA THR A 72 -20.90 11.88 0.37
C THR A 72 -20.17 13.18 0.71
N ALA A 73 -19.73 13.90 -0.31
CA ALA A 73 -19.00 15.16 -0.11
C ALA A 73 -19.88 16.17 0.62
N THR A 74 -21.15 16.21 0.26
CA THR A 74 -22.10 17.13 0.86
C THR A 74 -22.31 16.81 2.34
N TYR A 75 -22.60 15.55 2.64
CA TYR A 75 -22.81 15.15 4.02
C TYR A 75 -21.55 15.31 4.86
N ARG A 76 -20.37 15.16 4.25
CA ARG A 76 -19.15 15.31 5.01
C ARG A 76 -18.93 16.76 5.43
N LYS A 77 -19.48 17.70 4.66
CA LYS A 77 -19.38 19.11 5.00
C LYS A 77 -20.23 19.37 6.25
N LEU A 78 -21.33 18.62 6.37
CA LEU A 78 -22.21 18.77 7.51
C LEU A 78 -21.56 18.15 8.75
N GLU A 79 -20.80 17.07 8.55
CA GLU A 79 -20.11 16.43 9.67
C GLU A 79 -19.06 17.39 10.23
N GLU A 80 -18.41 18.15 9.36
CA GLU A 80 -17.41 19.11 9.79
C GLU A 80 -18.07 20.16 10.66
N MET A 81 -19.27 20.60 10.26
CA MET A 81 -20.00 21.60 11.03
C MET A 81 -20.37 21.04 12.41
N ALA A 82 -20.75 19.76 12.45
CA ALA A 82 -21.14 19.13 13.71
C ALA A 82 -19.96 19.08 14.67
N LYS A 83 -18.77 18.81 14.15
CA LYS A 83 -17.58 18.75 14.98
C LYS A 83 -17.27 20.10 15.62
N GLN A 84 -17.40 21.18 14.85
CA GLN A 84 -17.10 22.50 15.37
C GLN A 84 -18.20 23.08 16.27
N VAL A 85 -19.46 22.79 15.96
CA VAL A 85 -20.54 23.33 16.77
C VAL A 85 -20.50 22.72 18.17
N THR A 86 -19.83 21.58 18.31
CA THR A 86 -19.72 20.92 19.62
C THR A 86 -18.34 21.05 20.26
N ASN A 87 -17.50 21.92 19.69
CA ASN A 87 -16.15 22.17 20.19
C ASN A 87 -16.16 23.52 20.93
N PRO A 88 -16.07 23.50 22.27
CA PRO A 88 -16.09 24.72 23.07
C PRO A 88 -15.12 25.81 22.64
N SER A 89 -14.01 25.42 22.01
CA SER A 89 -13.00 26.36 21.56
C SER A 89 -13.22 26.91 20.15
N SER A 90 -14.16 26.34 19.42
CA SER A 90 -14.45 26.81 18.06
C SER A 90 -15.27 28.09 18.07
N ARG A 91 -15.07 28.93 17.06
CA ARG A 91 -15.82 30.18 16.96
C ARG A 91 -17.26 29.82 16.61
N TYR A 92 -17.50 28.58 16.22
CA TYR A 92 -18.85 28.13 15.85
C TYR A 92 -19.52 27.33 16.97
N TYR A 93 -18.91 27.30 18.15
CA TYR A 93 -19.48 26.55 19.27
C TYR A 93 -20.91 27.00 19.54
N GLN A 94 -21.85 26.06 19.45
CA GLN A 94 -23.27 26.32 19.70
C GLN A 94 -23.84 27.49 18.90
N ASP A 95 -23.22 27.78 17.75
CA ASP A 95 -23.69 28.88 16.90
C ASP A 95 -25.08 28.58 16.33
N GLU A 96 -26.00 29.53 16.48
CA GLU A 96 -27.37 29.34 16.02
C GLU A 96 -27.52 29.09 14.52
N THR A 97 -26.70 29.75 13.70
CA THR A 97 -26.79 29.53 12.26
C THR A 97 -26.26 28.15 11.88
N VAL A 98 -25.18 27.72 12.52
CA VAL A 98 -24.61 26.42 12.21
C VAL A 98 -25.54 25.30 12.65
N VAL A 99 -26.14 25.43 13.83
CA VAL A 99 -27.06 24.41 14.32
C VAL A 99 -28.22 24.26 13.34
N ARG A 100 -28.84 25.38 12.96
CA ARG A 100 -29.97 25.35 12.04
C ARG A 100 -29.56 24.90 10.63
N THR A 101 -28.34 25.23 10.22
CA THR A 101 -27.86 24.84 8.90
C THR A 101 -27.73 23.33 8.80
N VAL A 102 -27.21 22.69 9.85
CA VAL A 102 -27.08 21.25 9.82
C VAL A 102 -28.46 20.59 9.83
N ARG A 103 -29.33 21.04 10.73
CA ARG A 103 -30.67 20.50 10.82
C ARG A 103 -31.45 20.70 9.51
N ASP A 104 -31.41 21.92 8.97
CA ASP A 104 -32.12 22.21 7.72
C ASP A 104 -31.53 21.48 6.52
N SER A 105 -30.22 21.30 6.51
CA SER A 105 -29.55 20.62 5.42
C SER A 105 -29.87 19.12 5.42
N MET A 106 -29.97 18.54 6.61
CA MET A 106 -30.30 17.11 6.72
C MET A 106 -31.69 16.92 6.14
N GLU A 107 -32.59 17.85 6.46
CA GLU A 107 -33.96 17.79 6.00
C GLU A 107 -34.06 17.95 4.48
N TRP A 108 -33.33 18.91 3.92
CA TRP A 108 -33.37 19.15 2.49
C TRP A 108 -32.88 17.92 1.70
N MET A 109 -31.72 17.41 2.08
CA MET A 109 -31.15 16.23 1.41
C MET A 109 -32.10 15.06 1.53
N HIS A 110 -32.70 14.91 2.70
CA HIS A 110 -33.65 13.83 2.95
C HIS A 110 -34.87 13.91 2.03
N LYS A 111 -35.33 15.12 1.77
CA LYS A 111 -36.50 15.30 0.92
C LYS A 111 -36.25 15.29 -0.58
N HIS A 112 -35.09 15.75 -1.02
CA HIS A 112 -34.82 15.81 -2.46
C HIS A 112 -33.67 14.98 -3.02
N VAL A 113 -32.83 14.40 -2.17
CA VAL A 113 -31.69 13.66 -2.71
C VAL A 113 -31.43 12.25 -2.22
N TYR A 114 -31.45 12.05 -0.90
CA TYR A 114 -31.15 10.74 -0.34
C TYR A 114 -32.19 10.24 0.65
N ASN A 115 -33.04 9.31 0.20
CA ASN A 115 -34.07 8.74 1.04
C ASN A 115 -34.41 7.32 0.58
N SER A 116 -35.28 6.65 1.32
CA SER A 116 -35.69 5.28 1.01
C SER A 116 -36.34 5.05 -0.35
N GLU A 117 -36.87 6.11 -0.95
CA GLU A 117 -37.53 5.98 -2.24
C GLU A 117 -36.56 6.06 -3.41
N LYS A 118 -35.32 6.42 -3.12
CA LYS A 118 -34.28 6.53 -4.14
C LYS A 118 -33.60 5.20 -4.43
N SER A 119 -32.88 5.16 -5.55
CA SER A 119 -32.14 3.97 -5.96
C SER A 119 -30.70 4.38 -6.21
N ILE A 120 -29.79 3.43 -6.14
CA ILE A 120 -28.39 3.73 -6.35
C ILE A 120 -28.15 4.26 -7.76
N VAL A 121 -27.51 5.41 -7.83
CA VAL A 121 -27.18 6.04 -9.10
C VAL A 121 -25.71 6.42 -9.02
N GLY A 122 -24.88 5.69 -9.77
CA GLY A 122 -23.45 5.95 -9.75
C GLY A 122 -22.73 4.84 -8.98
N ASN A 123 -21.92 5.23 -8.01
CA ASN A 123 -21.15 4.29 -7.20
C ASN A 123 -21.91 3.86 -5.94
N TRP A 124 -22.13 2.55 -5.81
CA TRP A 124 -22.83 1.98 -4.66
C TRP A 124 -22.16 2.38 -3.34
N TRP A 125 -20.84 2.52 -3.37
CA TRP A 125 -20.08 2.85 -2.18
C TRP A 125 -20.56 4.10 -1.46
N ASP A 126 -20.95 5.11 -2.22
CA ASP A 126 -21.43 6.34 -1.62
C ASP A 126 -22.78 6.13 -0.94
N TYR A 127 -23.65 5.34 -1.57
CA TYR A 127 -24.96 5.07 -1.01
C TYR A 127 -24.98 4.15 0.20
N GLU A 128 -24.02 3.25 0.28
CA GLU A 128 -23.97 2.28 1.37
C GLU A 128 -22.90 2.46 2.44
N ILE A 129 -21.85 3.21 2.13
CA ILE A 129 -20.79 3.41 3.11
C ILE A 129 -20.42 4.87 3.35
N GLY A 130 -19.99 5.54 2.29
CA GLY A 130 -19.59 6.94 2.40
C GLY A 130 -20.63 7.84 3.03
N THR A 131 -21.82 7.88 2.46
CA THR A 131 -22.87 8.75 2.99
C THR A 131 -23.41 8.30 4.33
N PRO A 132 -23.72 6.99 4.49
CA PRO A 132 -24.25 6.56 5.80
C PRO A 132 -23.29 6.86 6.96
N ARG A 133 -21.99 6.74 6.73
CA ARG A 133 -21.02 7.03 7.79
C ARG A 133 -21.03 8.52 8.12
N ALA A 134 -21.18 9.37 7.10
CA ALA A 134 -21.21 10.81 7.32
C ALA A 134 -22.47 11.20 8.08
N ILE A 135 -23.59 10.58 7.72
CA ILE A 135 -24.85 10.85 8.38
C ILE A 135 -24.77 10.38 9.84
N ASN A 136 -24.25 9.17 10.05
CA ASN A 136 -24.12 8.62 11.40
C ASN A 136 -23.31 9.53 12.32
N ASN A 137 -22.14 9.94 11.86
CA ASN A 137 -21.26 10.79 12.66
C ASN A 137 -21.87 12.17 12.93
N THR A 138 -22.58 12.72 11.95
CA THR A 138 -23.21 14.04 12.14
C THR A 138 -24.27 13.97 13.23
N LEU A 139 -25.13 12.95 13.16
CA LEU A 139 -26.19 12.78 14.14
C LEU A 139 -25.63 12.42 15.51
N SER A 140 -24.57 11.63 15.54
CA SER A 140 -23.96 11.24 16.81
C SER A 140 -23.40 12.46 17.53
N LEU A 141 -22.65 13.28 16.80
CA LEU A 141 -22.05 14.47 17.38
C LEU A 141 -23.10 15.49 17.84
N MET A 142 -24.15 15.64 17.04
CA MET A 142 -25.21 16.60 17.36
C MET A 142 -26.49 15.96 17.90
N LYS A 143 -26.37 14.82 18.58
CA LYS A 143 -27.55 14.14 19.11
C LYS A 143 -28.36 14.95 20.10
N GLU A 144 -27.75 15.97 20.71
CA GLU A 144 -28.46 16.78 21.68
C GLU A 144 -29.25 17.91 21.00
N TYR A 145 -29.26 17.91 19.67
CA TYR A 145 -29.99 18.92 18.90
C TYR A 145 -31.07 18.28 18.03
N PHE A 146 -31.11 16.96 18.00
CA PHE A 146 -32.10 16.21 17.22
C PHE A 146 -32.94 15.34 18.15
N SER A 147 -34.18 15.09 17.76
CA SER A 147 -35.05 14.23 18.56
C SER A 147 -34.80 12.80 18.12
N ASP A 148 -35.21 11.84 18.92
CA ASP A 148 -35.02 10.45 18.54
C ASP A 148 -35.83 10.13 17.29
N GLU A 149 -36.96 10.83 17.12
CA GLU A 149 -37.80 10.61 15.95
C GLU A 149 -37.12 11.10 14.67
N GLU A 150 -36.41 12.23 14.78
CA GLU A 150 -35.70 12.78 13.63
C GLU A 150 -34.52 11.89 13.29
N ILE A 151 -33.83 11.41 14.31
CA ILE A 151 -32.68 10.53 14.12
C ILE A 151 -33.08 9.25 13.41
N LYS A 152 -34.23 8.69 13.80
CA LYS A 152 -34.71 7.46 13.15
C LYS A 152 -35.09 7.81 11.71
N LYS A 153 -35.74 8.95 11.54
CA LYS A 153 -36.16 9.40 10.21
C LYS A 153 -34.99 9.53 9.25
N TYR A 154 -33.91 10.16 9.71
CA TYR A 154 -32.75 10.38 8.86
C TYR A 154 -31.86 9.16 8.65
N THR A 155 -32.09 8.09 9.42
CA THR A 155 -31.29 6.87 9.26
C THR A 155 -32.10 5.74 8.63
N ASP A 156 -33.38 5.98 8.37
CA ASP A 156 -34.23 4.96 7.75
C ASP A 156 -33.64 4.57 6.39
N VAL A 157 -33.17 5.58 5.66
CA VAL A 157 -32.58 5.37 4.34
C VAL A 157 -31.38 4.42 4.41
N ILE A 158 -30.61 4.50 5.48
CA ILE A 158 -29.45 3.64 5.65
C ILE A 158 -29.90 2.17 5.72
N GLU A 159 -31.02 1.92 6.41
CA GLU A 159 -31.54 0.57 6.54
C GLU A 159 -32.10 0.07 5.22
N LYS A 160 -32.55 0.99 4.37
CA LYS A 160 -33.10 0.63 3.08
C LYS A 160 -31.97 0.13 2.17
N PHE A 161 -30.86 0.86 2.16
CA PHE A 161 -29.73 0.47 1.31
C PHE A 161 -28.83 -0.60 1.91
N VAL A 162 -28.76 -0.66 3.23
CA VAL A 162 -27.90 -1.64 3.89
C VAL A 162 -28.62 -2.38 5.03
N PRO A 163 -29.62 -3.21 4.70
CA PRO A 163 -30.37 -3.95 5.71
C PRO A 163 -29.68 -5.20 6.22
N ASP A 164 -28.78 -5.76 5.42
CA ASP A 164 -28.08 -7.00 5.76
C ASP A 164 -26.59 -6.80 6.02
N PRO A 165 -26.15 -7.04 7.28
CA PRO A 165 -24.76 -6.88 7.69
C PRO A 165 -23.74 -7.85 7.07
N GLU A 166 -24.20 -8.78 6.25
CA GLU A 166 -23.30 -9.73 5.62
C GLU A 166 -23.08 -9.43 4.13
N HIS A 167 -23.91 -8.55 3.56
CA HIS A 167 -23.79 -8.22 2.16
C HIS A 167 -23.92 -6.74 1.84
N PHE A 168 -23.34 -6.35 0.71
CA PHE A 168 -23.42 -4.98 0.21
C PHE A 168 -24.10 -5.08 -1.15
N ARG A 169 -24.53 -3.94 -1.69
CA ARG A 169 -25.23 -3.90 -2.98
C ARG A 169 -26.49 -4.78 -2.97
N LYS A 170 -27.13 -4.86 -1.81
CA LYS A 170 -28.32 -5.67 -1.65
C LYS A 170 -29.54 -5.20 -2.46
N THR A 171 -29.60 -3.91 -2.76
CA THR A 171 -30.72 -3.37 -3.54
C THR A 171 -30.45 -3.38 -5.04
N THR A 172 -29.31 -3.94 -5.44
CA THR A 172 -28.95 -4.01 -6.86
C THR A 172 -29.19 -5.42 -7.40
N ASP A 173 -28.82 -5.64 -8.65
CA ASP A 173 -28.98 -6.95 -9.27
C ASP A 173 -27.70 -7.76 -9.19
N ASN A 174 -26.82 -7.41 -8.25
CA ASN A 174 -25.57 -8.13 -8.07
C ASN A 174 -24.89 -7.82 -6.74
N PRO A 175 -25.50 -8.26 -5.63
CA PRO A 175 -24.95 -8.03 -4.29
C PRO A 175 -23.66 -8.84 -4.13
N PHE A 176 -22.92 -8.58 -3.07
CA PHE A 176 -21.69 -9.32 -2.81
C PHE A 176 -21.49 -9.51 -1.32
N LYS A 177 -20.77 -10.57 -0.95
CA LYS A 177 -20.51 -10.87 0.45
C LYS A 177 -19.43 -9.94 0.99
N ALA A 178 -19.73 -9.26 2.08
CA ALA A 178 -18.79 -8.32 2.70
C ALA A 178 -17.70 -9.01 3.52
N LEU A 179 -16.46 -8.63 3.24
CA LEU A 179 -15.29 -9.16 3.94
C LEU A 179 -14.23 -8.07 4.02
N GLY A 180 -13.14 -8.34 4.75
CA GLY A 180 -12.05 -7.39 4.87
C GLY A 180 -12.40 -5.96 5.24
N GLY A 181 -11.77 -5.01 4.54
CA GLY A 181 -12.01 -3.60 4.80
C GLY A 181 -13.46 -3.18 4.69
N ASN A 182 -14.14 -3.62 3.63
CA ASN A 182 -15.54 -3.28 3.43
C ASN A 182 -16.39 -3.77 4.60
N LEU A 183 -16.06 -4.96 5.11
CA LEU A 183 -16.80 -5.53 6.22
C LEU A 183 -16.63 -4.67 7.47
N VAL A 184 -15.45 -4.07 7.62
CA VAL A 184 -15.21 -3.22 8.77
C VAL A 184 -16.07 -1.96 8.61
N ASP A 185 -16.17 -1.44 7.39
CA ASP A 185 -16.98 -0.26 7.16
C ASP A 185 -18.46 -0.59 7.41
N MET A 186 -18.83 -1.85 7.17
CA MET A 186 -20.21 -2.28 7.43
C MET A 186 -20.47 -2.01 8.90
N GLY A 187 -19.43 -2.17 9.71
CA GLY A 187 -19.55 -1.93 11.14
C GLY A 187 -19.73 -0.45 11.44
N ARG A 188 -18.93 0.41 10.82
CA ARG A 188 -19.05 1.84 11.05
C ARG A 188 -20.38 2.37 10.53
N VAL A 189 -21.08 1.55 9.74
CA VAL A 189 -22.37 1.94 9.20
C VAL A 189 -23.51 1.42 10.07
N LYS A 190 -23.57 0.11 10.25
CA LYS A 190 -24.65 -0.50 11.03
C LYS A 190 -24.51 -0.54 12.55
N VAL A 191 -23.29 -0.58 13.08
CA VAL A 191 -23.17 -0.58 14.54
C VAL A 191 -23.56 0.82 15.06
N ILE A 192 -23.09 1.86 14.38
CA ILE A 192 -23.42 3.21 14.81
C ILE A 192 -24.89 3.55 14.56
N ALA A 193 -25.40 3.16 13.39
CA ALA A 193 -26.81 3.41 13.07
C ALA A 193 -27.65 2.66 14.11
N GLY A 194 -27.17 1.48 14.50
CA GLY A 194 -27.87 0.68 15.49
C GLY A 194 -27.96 1.38 16.84
N LEU A 195 -26.88 2.04 17.22
CA LEU A 195 -26.84 2.77 18.48
C LEU A 195 -27.78 3.98 18.40
N LEU A 196 -27.73 4.67 17.27
CA LEU A 196 -28.57 5.84 17.05
C LEU A 196 -30.05 5.47 17.06
N ARG A 197 -30.37 4.31 16.48
CA ARG A 197 -31.75 3.83 16.39
C ARG A 197 -32.16 2.97 17.59
N LYS A 198 -31.23 2.80 18.54
CA LYS A 198 -31.48 2.00 19.74
C LYS A 198 -31.99 0.61 19.34
N ASP A 199 -31.34 0.02 18.34
CA ASP A 199 -31.72 -1.29 17.82
C ASP A 199 -30.73 -2.37 18.25
N ASP A 200 -31.08 -3.13 19.28
CA ASP A 200 -30.21 -4.21 19.77
C ASP A 200 -29.89 -5.27 18.72
N GLN A 201 -30.89 -5.64 17.93
CA GLN A 201 -30.71 -6.67 16.92
C GLN A 201 -29.71 -6.24 15.84
N GLU A 202 -29.76 -4.97 15.45
CA GLU A 202 -28.84 -4.48 14.42
C GLU A 202 -27.41 -4.48 14.96
N ILE A 203 -27.26 -4.09 16.22
CA ILE A 203 -25.94 -4.03 16.85
C ILE A 203 -25.32 -5.42 17.01
N SER A 204 -26.09 -6.36 17.55
CA SER A 204 -25.59 -7.71 17.77
C SER A 204 -25.29 -8.45 16.47
N SER A 205 -26.22 -8.40 15.52
CA SER A 205 -26.02 -9.09 14.24
C SER A 205 -24.85 -8.52 13.44
N THR A 206 -24.62 -7.22 13.56
CA THR A 206 -23.52 -6.60 12.83
C THR A 206 -22.18 -7.00 13.42
N ILE A 207 -22.07 -6.98 14.74
CA ILE A 207 -20.83 -7.36 15.41
C ILE A 207 -20.54 -8.83 15.07
N ARG A 208 -21.59 -9.64 15.02
CA ARG A 208 -21.46 -11.05 14.69
C ARG A 208 -20.82 -11.21 13.32
N SER A 209 -21.30 -10.43 12.36
CA SER A 209 -20.79 -10.48 11.00
C SER A 209 -19.34 -10.00 10.94
N ILE A 210 -19.05 -8.94 11.68
CA ILE A 210 -17.70 -8.37 11.72
C ILE A 210 -16.65 -9.37 12.15
N GLU A 211 -17.00 -10.26 13.05
CA GLU A 211 -16.06 -11.26 13.55
C GLU A 211 -15.42 -12.13 12.48
N GLN A 212 -16.00 -12.16 11.29
CA GLN A 212 -15.46 -12.95 10.19
C GLN A 212 -14.08 -12.44 9.80
N VAL A 213 -13.81 -11.18 10.09
CA VAL A 213 -12.52 -10.56 9.73
C VAL A 213 -11.32 -11.16 10.45
N PHE A 214 -11.55 -11.86 11.55
CA PHE A 214 -10.46 -12.45 12.32
C PHE A 214 -10.00 -13.82 11.84
N LYS A 215 -10.70 -14.38 10.85
CA LYS A 215 -10.34 -15.70 10.36
C LYS A 215 -9.24 -15.73 9.29
N LEU A 216 -8.37 -16.71 9.41
CA LEU A 216 -7.27 -16.92 8.48
C LEU A 216 -7.86 -17.65 7.28
N VAL A 217 -7.57 -17.18 6.08
CA VAL A 217 -8.11 -17.83 4.88
C VAL A 217 -7.01 -18.48 4.06
N ASP A 218 -7.38 -19.41 3.20
CA ASP A 218 -6.40 -20.07 2.34
C ASP A 218 -6.82 -19.90 0.89
N GLN A 219 -7.85 -19.09 0.68
CA GLN A 219 -8.36 -18.81 -0.65
C GLN A 219 -9.29 -17.60 -0.56
N GLY A 220 -9.45 -16.87 -1.66
CA GLY A 220 -10.32 -15.72 -1.65
C GLY A 220 -9.75 -14.48 -0.95
N GLU A 221 -10.64 -13.58 -0.55
CA GLU A 221 -10.26 -12.33 0.11
C GLU A 221 -9.96 -12.48 1.60
N GLY A 222 -8.97 -11.73 2.09
CA GLY A 222 -8.61 -11.79 3.49
C GLY A 222 -7.12 -12.00 3.76
N PHE A 223 -6.78 -12.30 5.02
CA PHE A 223 -5.40 -12.53 5.43
C PHE A 223 -5.00 -13.99 5.34
N TYR A 224 -3.77 -14.24 4.86
CA TYR A 224 -3.25 -15.58 4.71
C TYR A 224 -2.16 -15.82 5.76
N GLN A 225 -1.83 -17.08 6.00
CA GLN A 225 -0.82 -17.41 7.01
C GLN A 225 0.55 -16.83 6.72
N ASP A 226 0.85 -16.51 5.46
CA ASP A 226 2.15 -15.92 5.15
C ASP A 226 2.13 -14.40 5.21
N GLY A 227 1.01 -13.84 5.67
CA GLY A 227 0.91 -12.39 5.80
C GLY A 227 0.25 -11.66 4.66
N SER A 228 0.05 -12.34 3.53
CA SER A 228 -0.58 -11.71 2.37
C SER A 228 -2.01 -11.29 2.70
N TYR A 229 -2.48 -10.24 2.01
CA TYR A 229 -3.85 -9.77 2.15
C TYR A 229 -4.41 -9.54 0.75
N ILE A 230 -5.49 -10.25 0.44
CA ILE A 230 -6.12 -10.15 -0.87
C ILE A 230 -7.50 -9.50 -0.77
N ASP A 231 -7.83 -8.65 -1.75
CA ASP A 231 -9.15 -8.07 -1.78
C ASP A 231 -9.56 -7.97 -3.24
N HIS A 232 -10.82 -7.64 -3.50
CA HIS A 232 -11.31 -7.55 -4.85
C HIS A 232 -10.98 -8.83 -5.64
N THR A 233 -11.34 -9.95 -5.04
CA THR A 233 -11.15 -11.29 -5.61
C THR A 233 -9.73 -11.82 -5.67
N ASN A 234 -8.82 -11.08 -6.30
CA ASN A 234 -7.44 -11.56 -6.43
C ASN A 234 -6.38 -10.47 -6.57
N VAL A 235 -6.54 -9.37 -5.85
CA VAL A 235 -5.58 -8.26 -5.92
C VAL A 235 -4.83 -8.08 -4.60
N ALA A 236 -3.50 -7.97 -4.67
CA ALA A 236 -2.71 -7.74 -3.45
C ALA A 236 -3.20 -6.38 -2.94
N TYR A 237 -3.66 -6.30 -1.70
CA TYR A 237 -4.22 -5.03 -1.23
C TYR A 237 -4.03 -4.62 0.24
N THR A 238 -2.99 -5.12 0.88
CA THR A 238 -2.76 -4.80 2.29
C THR A 238 -2.73 -3.29 2.53
N GLY A 239 -2.10 -2.57 1.60
CA GLY A 239 -1.93 -1.12 1.74
C GLY A 239 -3.06 -0.16 1.42
N ALA A 240 -4.26 -0.66 1.16
CA ALA A 240 -5.38 0.22 0.88
C ALA A 240 -6.62 -0.32 1.60
N TYR A 241 -7.08 -1.50 1.20
CA TYR A 241 -8.22 -2.11 1.86
C TYR A 241 -7.80 -2.63 3.22
N GLY A 242 -6.54 -3.04 3.33
CA GLY A 242 -6.04 -3.49 4.62
C GLY A 242 -6.06 -2.29 5.55
N ASN A 243 -5.67 -1.13 5.02
CA ASN A 243 -5.65 0.10 5.80
C ASN A 243 -7.03 0.39 6.36
N VAL A 244 -8.04 0.29 5.51
CA VAL A 244 -9.42 0.56 5.93
C VAL A 244 -9.80 -0.40 7.06
N LEU A 245 -9.42 -1.66 6.90
CA LEU A 245 -9.72 -2.68 7.89
C LEU A 245 -9.17 -2.32 9.28
N ILE A 246 -7.87 -2.04 9.36
CA ILE A 246 -7.28 -1.72 10.66
C ILE A 246 -7.66 -0.32 11.17
N ASP A 247 -7.76 0.64 10.26
CA ASP A 247 -8.11 2.01 10.62
C ASP A 247 -9.53 2.03 11.18
N GLY A 248 -10.47 1.43 10.44
CA GLY A 248 -11.85 1.40 10.89
C GLY A 248 -12.11 0.50 12.09
N LEU A 249 -11.48 -0.66 12.14
CA LEU A 249 -11.69 -1.58 13.25
C LEU A 249 -11.16 -1.01 14.56
N SER A 250 -10.02 -0.34 14.51
CA SER A 250 -9.44 0.25 15.72
C SER A 250 -10.33 1.36 16.28
N GLN A 251 -11.11 2.01 15.41
CA GLN A 251 -12.03 3.06 15.87
C GLN A 251 -13.24 2.44 16.56
N LEU A 252 -13.74 1.34 15.99
CA LEU A 252 -14.90 0.64 16.51
C LEU A 252 -14.71 -0.17 17.78
N LEU A 253 -13.55 -0.80 17.92
CA LEU A 253 -13.31 -1.66 19.08
C LEU A 253 -13.65 -1.13 20.47
N PRO A 254 -13.23 0.11 20.80
CA PRO A 254 -13.56 0.63 22.13
C PRO A 254 -15.07 0.66 22.38
N VAL A 255 -15.84 0.90 21.33
CA VAL A 255 -17.29 0.95 21.44
C VAL A 255 -17.87 -0.46 21.56
N ILE A 256 -17.47 -1.33 20.64
CA ILE A 256 -17.94 -2.71 20.62
C ILE A 256 -17.70 -3.45 21.93
N GLN A 257 -16.51 -3.28 22.50
CA GLN A 257 -16.17 -3.97 23.74
C GLN A 257 -17.01 -3.53 24.94
N LYS A 258 -17.74 -2.42 24.79
CA LYS A 258 -18.57 -1.93 25.88
C LYS A 258 -20.04 -2.22 25.64
N THR A 259 -20.36 -2.89 24.54
CA THR A 259 -21.74 -3.24 24.23
C THR A 259 -22.05 -4.58 24.90
N LYS A 260 -23.29 -5.04 24.76
CA LYS A 260 -23.69 -6.31 25.35
C LYS A 260 -23.27 -7.48 24.47
N ASN A 261 -22.52 -7.18 23.40
CA ASN A 261 -22.04 -8.20 22.48
C ASN A 261 -20.54 -8.03 22.22
N PRO A 262 -19.74 -7.91 23.28
CA PRO A 262 -18.29 -7.74 23.11
C PRO A 262 -17.61 -8.90 22.38
N ILE A 263 -16.51 -8.60 21.71
CA ILE A 263 -15.78 -9.61 20.97
C ILE A 263 -14.79 -10.32 21.88
N ASP A 264 -14.81 -11.65 21.87
CA ASP A 264 -13.93 -12.46 22.70
C ASP A 264 -12.49 -11.96 22.64
N LYS A 265 -11.93 -11.61 23.79
CA LYS A 265 -10.55 -11.11 23.85
C LYS A 265 -9.56 -12.24 23.61
N ASP A 266 -9.56 -12.76 22.40
CA ASP A 266 -8.65 -13.84 22.01
C ASP A 266 -8.25 -13.52 20.58
N LYS A 267 -9.12 -12.76 19.92
CA LYS A 267 -8.90 -12.37 18.54
C LYS A 267 -8.02 -11.13 18.44
N MET A 268 -7.68 -10.54 19.57
CA MET A 268 -6.80 -9.38 19.57
C MET A 268 -5.40 -9.88 19.29
N GLN A 269 -5.15 -11.14 19.63
CA GLN A 269 -3.85 -11.76 19.37
C GLN A 269 -3.73 -11.87 17.86
N THR A 270 -4.88 -12.06 17.21
CA THR A 270 -4.93 -12.18 15.75
C THR A 270 -4.63 -10.83 15.12
N MET A 271 -5.10 -9.76 15.76
CA MET A 271 -4.83 -8.42 15.25
C MET A 271 -3.36 -8.11 15.37
N TYR A 272 -2.76 -8.51 16.49
CA TYR A 272 -1.34 -8.26 16.72
C TYR A 272 -0.53 -8.98 15.66
N HIS A 273 -1.04 -10.13 15.22
CA HIS A 273 -0.35 -10.89 14.19
C HIS A 273 -0.42 -10.16 12.85
N TRP A 274 -1.57 -9.57 12.53
CA TRP A 274 -1.70 -8.81 11.27
C TRP A 274 -0.63 -7.73 11.26
N ILE A 275 -0.56 -6.99 12.37
CA ILE A 275 0.39 -5.90 12.50
C ILE A 275 1.83 -6.33 12.24
N ASP A 276 2.28 -7.39 12.90
CA ASP A 276 3.65 -7.87 12.75
C ASP A 276 3.95 -8.59 11.45
N LYS A 277 3.02 -9.45 11.02
CA LYS A 277 3.22 -10.25 9.82
C LYS A 277 2.81 -9.60 8.48
N SER A 278 1.73 -8.83 8.50
CA SER A 278 1.23 -8.21 7.27
C SER A 278 1.55 -6.74 7.01
N PHE A 279 1.41 -5.91 8.03
CA PHE A 279 1.63 -4.47 7.87
C PHE A 279 3.05 -3.96 8.06
N ALA A 280 3.68 -4.32 9.18
CA ALA A 280 5.03 -3.86 9.49
C ALA A 280 6.05 -4.02 8.36
N PRO A 281 6.10 -5.19 7.69
CA PRO A 281 7.08 -5.37 6.61
C PRO A 281 6.94 -4.37 5.46
N LEU A 282 5.71 -3.89 5.25
CA LEU A 282 5.43 -2.94 4.17
C LEU A 282 5.71 -1.48 4.51
N LEU A 283 6.20 -1.23 5.73
CA LEU A 283 6.50 0.13 6.16
C LEU A 283 8.01 0.34 6.25
N VAL A 284 8.54 1.25 5.41
CA VAL A 284 9.97 1.54 5.39
C VAL A 284 10.21 3.05 5.51
N ASN A 285 10.87 3.46 6.59
CA ASN A 285 11.15 4.86 6.85
C ASN A 285 9.89 5.73 6.78
N GLY A 286 8.78 5.18 7.30
CA GLY A 286 7.53 5.91 7.32
C GLY A 286 6.68 5.83 6.07
N GLU A 287 7.14 5.09 5.07
CA GLU A 287 6.41 4.96 3.81
C GLU A 287 5.76 3.59 3.66
N LEU A 288 4.53 3.56 3.16
CA LEU A 288 3.80 2.30 2.95
C LEU A 288 4.04 1.92 1.49
N MET A 289 4.69 0.77 1.28
CA MET A 289 5.03 0.29 -0.06
C MET A 289 3.89 0.32 -1.07
N ASP A 290 4.07 1.11 -2.13
CA ASP A 290 3.08 1.27 -3.18
C ASP A 290 2.59 -0.02 -3.86
N MET A 291 3.42 -1.06 -3.90
CA MET A 291 3.00 -2.30 -4.55
C MET A 291 1.85 -2.98 -3.82
N SER A 292 1.53 -2.49 -2.62
CA SER A 292 0.44 -3.08 -1.84
C SER A 292 -0.79 -2.17 -1.80
N ARG A 293 -0.71 -1.01 -2.47
CA ARG A 293 -1.80 -0.04 -2.44
C ARG A 293 -2.78 -0.02 -3.61
N GLY A 294 -2.62 -0.96 -4.53
CA GLY A 294 -3.52 -1.02 -5.67
C GLY A 294 -3.70 0.30 -6.41
N ARG A 295 -4.95 0.64 -6.73
CA ARG A 295 -5.22 1.86 -7.48
C ARG A 295 -5.04 3.16 -6.70
N SER A 296 -4.82 3.07 -5.39
CA SER A 296 -4.65 4.27 -4.59
C SER A 296 -3.35 5.02 -4.88
N ILE A 297 -2.44 4.40 -5.62
CA ILE A 297 -1.18 5.07 -5.96
C ILE A 297 -1.45 6.25 -6.89
N SER A 298 -2.62 6.24 -7.54
CA SER A 298 -2.96 7.30 -8.48
C SER A 298 -3.67 8.51 -7.83
N ARG A 299 -3.69 8.55 -6.50
CA ARG A 299 -4.33 9.65 -5.77
C ARG A 299 -3.26 10.58 -5.22
N ALA A 300 -3.31 11.85 -5.61
CA ALA A 300 -2.33 12.84 -5.19
C ALA A 300 -2.22 13.08 -3.69
N ASN A 301 -3.35 12.97 -2.99
CA ASN A 301 -3.38 13.20 -1.54
C ASN A 301 -3.11 11.93 -0.74
N SER A 302 -2.72 10.86 -1.42
CA SER A 302 -2.47 9.60 -0.73
C SER A 302 -1.14 8.95 -1.10
N GLU A 303 -0.08 9.75 -1.19
CA GLU A 303 1.21 9.16 -1.51
C GLU A 303 1.68 8.30 -0.33
N GLY A 304 2.71 7.49 -0.57
CA GLY A 304 3.21 6.55 0.42
C GLY A 304 3.30 6.90 1.90
N HIS A 305 3.88 8.04 2.24
CA HIS A 305 4.02 8.43 3.64
C HIS A 305 2.68 8.83 4.26
N VAL A 306 1.79 9.38 3.44
CA VAL A 306 0.48 9.79 3.93
C VAL A 306 -0.36 8.55 4.23
N ALA A 307 -0.39 7.63 3.26
CA ALA A 307 -1.15 6.39 3.42
C ALA A 307 -0.66 5.62 4.64
N ALA A 308 0.64 5.67 4.90
CA ALA A 308 1.21 4.95 6.03
C ALA A 308 0.58 5.36 7.36
N VAL A 309 0.20 6.63 7.48
CA VAL A 309 -0.38 7.11 8.74
C VAL A 309 -1.71 6.41 9.06
N GLU A 310 -2.46 6.00 8.05
CA GLU A 310 -3.72 5.32 8.30
C GLU A 310 -3.43 4.03 9.07
N VAL A 311 -2.33 3.37 8.72
CA VAL A 311 -1.94 2.13 9.39
C VAL A 311 -1.37 2.42 10.78
N LEU A 312 -0.49 3.41 10.87
CA LEU A 312 0.12 3.77 12.14
C LEU A 312 -0.90 4.21 13.19
N ARG A 313 -1.90 5.00 12.80
CA ARG A 313 -2.89 5.44 13.78
C ARG A 313 -3.75 4.26 14.22
N GLY A 314 -3.94 3.29 13.33
CA GLY A 314 -4.71 2.12 13.69
C GLY A 314 -3.94 1.34 14.74
N ILE A 315 -2.63 1.24 14.55
CA ILE A 315 -1.77 0.52 15.47
C ILE A 315 -1.73 1.19 16.84
N HIS A 316 -1.59 2.51 16.88
N HIS A 316 -1.60 2.50 16.86
CA HIS A 316 -1.52 3.18 18.18
CA HIS A 316 -1.53 3.21 18.12
C HIS A 316 -2.85 3.16 18.94
C HIS A 316 -2.83 3.11 18.92
N ARG A 317 -3.96 3.01 18.21
CA ARG A 317 -5.26 2.91 18.87
C ARG A 317 -5.34 1.52 19.49
N ILE A 318 -4.90 0.51 18.74
CA ILE A 318 -4.92 -0.87 19.22
C ILE A 318 -4.00 -1.00 20.44
N ALA A 319 -2.88 -0.30 20.41
CA ALA A 319 -1.95 -0.36 21.54
C ALA A 319 -2.64 0.22 22.77
N ASP A 320 -3.42 1.29 22.57
CA ASP A 320 -4.11 1.94 23.67
C ASP A 320 -5.15 1.04 24.33
N MET A 321 -5.69 0.08 23.58
N MET A 321 -5.70 0.09 23.58
CA MET A 321 -6.69 -0.83 24.14
CA MET A 321 -6.69 -0.85 24.10
C MET A 321 -6.03 -2.13 24.60
C MET A 321 -6.03 -2.13 24.60
N SER A 322 -4.70 -2.18 24.50
CA SER A 322 -3.93 -3.34 24.93
C SER A 322 -3.37 -3.05 26.32
N GLU A 323 -2.55 -3.96 26.83
CA GLU A 323 -1.97 -3.78 28.16
C GLU A 323 -0.54 -4.30 28.28
N GLY A 324 0.18 -3.77 29.27
CA GLY A 324 1.54 -4.19 29.54
C GLY A 324 2.53 -4.18 28.38
N GLU A 325 3.23 -5.30 28.22
CA GLU A 325 4.23 -5.47 27.17
C GLU A 325 3.69 -5.25 25.76
N THR A 326 2.57 -5.89 25.44
CA THR A 326 1.97 -5.76 24.13
C THR A 326 1.72 -4.30 23.78
N LYS A 327 1.18 -3.54 24.74
CA LYS A 327 0.92 -2.13 24.53
C LYS A 327 2.22 -1.38 24.28
N GLN A 328 3.19 -1.60 25.15
CA GLN A 328 4.48 -0.93 25.03
C GLN A 328 5.23 -1.28 23.74
N ARG A 329 5.18 -2.54 23.32
CA ARG A 329 5.88 -2.94 22.11
C ARG A 329 5.21 -2.35 20.87
N LEU A 330 3.89 -2.27 20.89
CA LEU A 330 3.18 -1.70 19.75
C LEU A 330 3.49 -0.22 19.70
N GLN A 331 3.57 0.42 20.87
CA GLN A 331 3.89 1.84 20.95
C GLN A 331 5.30 2.05 20.38
N SER A 332 6.21 1.13 20.71
CA SER A 332 7.58 1.21 20.25
C SER A 332 7.68 1.06 18.73
N LEU A 333 6.84 0.21 18.17
CA LEU A 333 6.84 0.00 16.72
C LEU A 333 6.45 1.32 16.04
N VAL A 334 5.37 1.93 16.51
CA VAL A 334 4.91 3.20 15.95
C VAL A 334 5.96 4.29 16.15
N LYS A 335 6.54 4.34 17.34
CA LYS A 335 7.54 5.36 17.66
C LYS A 335 8.76 5.30 16.76
N THR A 336 9.33 4.11 16.58
CA THR A 336 10.52 4.01 15.75
C THR A 336 10.24 4.31 14.28
N ILE A 337 9.07 3.91 13.78
CA ILE A 337 8.75 4.20 12.38
C ILE A 337 8.59 5.71 12.17
N VAL A 338 7.82 6.36 13.04
CA VAL A 338 7.60 7.79 12.94
C VAL A 338 8.90 8.58 13.07
N GLN A 339 9.74 8.22 14.03
CA GLN A 339 11.00 8.95 14.21
C GLN A 339 12.02 8.70 13.11
N SER A 340 11.81 7.64 12.32
CA SER A 340 12.72 7.34 11.21
C SER A 340 12.31 8.14 9.97
N ASP A 341 11.12 8.73 10.01
CA ASP A 341 10.61 9.50 8.87
C ASP A 341 10.98 10.98 8.92
N SER A 342 12.07 11.34 8.25
CA SER A 342 12.53 12.73 8.23
C SER A 342 11.90 13.54 7.09
N TYR A 343 11.04 12.89 6.31
CA TYR A 343 10.41 13.53 5.17
C TYR A 343 8.98 14.02 5.40
N TYR A 344 8.17 13.18 6.03
CA TYR A 344 6.77 13.51 6.27
C TYR A 344 6.44 13.72 7.75
N ASP A 345 5.63 14.73 8.04
CA ASP A 345 5.21 15.03 9.40
C ASP A 345 3.94 14.22 9.68
N VAL A 346 4.05 13.19 10.52
CA VAL A 346 2.92 12.32 10.81
C VAL A 346 1.64 13.05 11.22
N PHE A 347 1.77 14.15 11.94
CA PHE A 347 0.59 14.90 12.37
C PHE A 347 -0.25 15.43 11.20
N LYS A 348 0.34 15.52 10.02
CA LYS A 348 -0.41 16.00 8.86
C LYS A 348 -1.56 15.07 8.49
N ASN A 349 -1.54 13.84 9.00
CA ASN A 349 -2.62 12.92 8.72
C ASN A 349 -3.23 12.27 9.98
N LEU A 350 -3.19 13.02 11.08
CA LEU A 350 -3.83 12.57 12.32
C LEU A 350 -4.96 13.61 12.41
N LYS A 351 -6.16 13.15 12.07
CA LYS A 351 -7.32 14.03 11.98
C LYS A 351 -8.34 14.10 13.11
N THR A 352 -7.97 13.66 14.31
CA THR A 352 -8.86 13.75 15.48
C THR A 352 -7.97 14.13 16.66
N TYR A 353 -8.53 14.77 17.68
CA TYR A 353 -7.70 15.17 18.82
C TYR A 353 -7.16 13.98 19.62
N LYS A 354 -7.92 12.90 19.70
CA LYS A 354 -7.44 11.74 20.45
C LYS A 354 -6.24 11.11 19.74
N ASP A 355 -6.27 11.08 18.41
CA ASP A 355 -5.14 10.52 17.66
C ASP A 355 -3.89 11.38 17.84
N ILE A 356 -4.08 12.69 17.87
CA ILE A 356 -2.97 13.61 18.07
C ILE A 356 -2.40 13.37 19.47
N SER A 357 -3.29 13.30 20.46
CA SER A 357 -2.89 13.08 21.84
C SER A 357 -2.11 11.79 22.04
N LEU A 358 -2.61 10.69 21.46
CA LEU A 358 -1.94 9.40 21.58
C LEU A 358 -0.54 9.45 20.99
N MET A 359 -0.40 10.08 19.83
CA MET A 359 0.90 10.17 19.18
C MET A 359 1.89 11.00 19.99
N GLN A 360 1.42 12.11 20.56
CA GLN A 360 2.29 12.96 21.34
C GLN A 360 2.80 12.27 22.60
N SER A 361 1.94 11.56 23.30
CA SER A 361 2.35 10.86 24.52
C SER A 361 3.38 9.77 24.19
N LEU A 362 3.16 9.07 23.08
CA LEU A 362 4.07 8.02 22.65
C LEU A 362 5.46 8.56 22.34
N LEU A 363 5.51 9.66 21.58
CA LEU A 363 6.77 10.27 21.20
C LEU A 363 7.54 10.88 22.36
N SER A 364 6.83 11.42 23.35
CA SER A 364 7.49 12.06 24.49
C SER A 364 7.73 11.13 25.69
N ASP A 365 7.16 9.93 25.65
CA ASP A 365 7.31 8.98 26.74
C ASP A 365 8.66 8.26 26.64
N ALA A 366 9.58 8.59 27.56
CA ALA A 366 10.90 7.99 27.56
C ALA A 366 10.84 6.49 27.86
N GLY A 367 9.72 6.06 28.44
CA GLY A 367 9.54 4.66 28.76
C GLY A 367 9.29 3.81 27.53
N VAL A 368 8.94 4.45 26.42
CA VAL A 368 8.68 3.75 25.17
C VAL A 368 9.94 3.77 24.32
N ALA A 369 10.48 2.59 24.07
CA ALA A 369 11.71 2.45 23.29
C ALA A 369 11.54 2.79 21.82
N SER A 370 12.57 3.42 21.26
CA SER A 370 12.61 3.80 19.87
C SER A 370 13.97 3.33 19.35
N VAL A 371 14.03 2.08 18.92
CA VAL A 371 15.26 1.49 18.43
C VAL A 371 15.09 1.17 16.94
N PRO A 372 16.12 1.45 16.12
CA PRO A 372 16.01 1.16 14.69
C PRO A 372 15.56 -0.27 14.44
N ARG A 373 14.63 -0.45 13.51
CA ARG A 373 14.13 -1.79 13.22
C ARG A 373 15.21 -2.68 12.63
N THR A 374 15.17 -3.96 12.96
CA THR A 374 16.16 -4.92 12.48
C THR A 374 15.81 -5.40 11.07
N SER A 375 16.74 -6.13 10.45
CA SER A 375 16.54 -6.63 9.09
C SER A 375 15.45 -7.68 8.99
N TYR A 376 14.80 -7.74 7.84
CA TYR A 376 13.73 -8.73 7.62
C TYR A 376 13.50 -8.94 6.13
N LEU A 377 12.83 -10.05 5.80
CA LEU A 377 12.53 -10.36 4.41
C LEU A 377 11.24 -11.17 4.43
N SER A 378 10.18 -10.58 3.91
CA SER A 378 8.87 -11.24 3.87
C SER A 378 8.50 -11.68 2.46
N ALA A 379 8.24 -12.98 2.33
CA ALA A 379 7.84 -13.55 1.05
C ALA A 379 6.32 -13.71 1.09
N PHE A 380 5.60 -12.71 0.58
CA PHE A 380 4.15 -12.76 0.57
C PHE A 380 3.72 -13.53 -0.68
N ASN A 381 3.97 -14.83 -0.68
CA ASN A 381 3.65 -15.64 -1.83
C ASN A 381 2.17 -15.71 -2.21
N LYS A 382 1.28 -15.63 -1.23
CA LYS A 382 -0.14 -15.70 -1.55
C LYS A 382 -0.68 -14.44 -2.26
N MET A 383 0.16 -13.40 -2.38
CA MET A 383 -0.24 -12.22 -3.14
C MET A 383 0.87 -11.81 -4.12
N ASP A 384 1.84 -12.71 -4.28
CA ASP A 384 2.98 -12.53 -5.20
C ASP A 384 3.81 -11.25 -5.06
N LYS A 385 4.10 -10.87 -3.82
CA LYS A 385 4.93 -9.69 -3.56
C LYS A 385 6.02 -10.12 -2.57
N THR A 386 7.14 -9.40 -2.56
CA THR A 386 8.21 -9.70 -1.63
C THR A 386 8.78 -8.38 -1.10
N ALA A 387 8.97 -8.30 0.21
CA ALA A 387 9.48 -7.10 0.86
C ALA A 387 10.75 -7.41 1.64
N MET A 388 11.80 -6.64 1.38
CA MET A 388 13.10 -6.85 2.02
C MET A 388 13.63 -5.57 2.65
N TYR A 389 14.27 -5.70 3.81
CA TYR A 389 14.85 -4.54 4.48
C TYR A 389 16.17 -4.91 5.17
N ASN A 390 17.20 -4.11 4.88
CA ASN A 390 18.53 -4.30 5.46
C ASN A 390 18.78 -3.15 6.44
N ALA A 391 18.87 -3.48 7.73
CA ALA A 391 19.06 -2.48 8.77
C ALA A 391 20.50 -1.99 8.90
N GLU A 392 21.46 -2.84 8.53
CA GLU A 392 22.87 -2.48 8.62
C GLU A 392 23.24 -1.37 7.65
N LYS A 393 22.77 -1.48 6.41
CA LYS A 393 23.06 -0.49 5.39
C LYS A 393 21.92 0.51 5.19
N GLY A 394 20.74 0.13 5.66
CA GLY A 394 19.59 1.02 5.59
C GLY A 394 18.84 1.19 4.28
N PHE A 395 18.47 0.10 3.63
CA PHE A 395 17.70 0.22 2.41
C PHE A 395 16.62 -0.85 2.40
N GLY A 396 15.53 -0.55 1.68
CA GLY A 396 14.42 -1.47 1.55
C GLY A 396 14.31 -1.85 0.09
N PHE A 397 13.73 -3.01 -0.20
CA PHE A 397 13.57 -3.49 -1.56
C PHE A 397 12.20 -4.13 -1.69
N GLY A 398 11.48 -3.79 -2.74
CA GLY A 398 10.17 -4.37 -2.97
C GLY A 398 10.09 -4.98 -4.35
N LEU A 399 9.57 -6.21 -4.43
CA LEU A 399 9.44 -6.92 -5.70
C LEU A 399 7.95 -7.16 -5.97
N SER A 400 7.45 -6.55 -7.04
CA SER A 400 6.04 -6.63 -7.41
C SER A 400 5.78 -7.57 -8.59
N LEU A 401 5.15 -8.70 -8.31
CA LEU A 401 4.84 -9.69 -9.35
C LEU A 401 3.35 -10.01 -9.33
N PHE A 402 2.95 -10.92 -10.23
CA PHE A 402 1.58 -11.42 -10.29
C PHE A 402 1.69 -12.78 -10.96
N SER A 403 0.60 -13.55 -10.95
CA SER A 403 0.63 -14.89 -11.52
C SER A 403 -0.77 -15.28 -11.94
N SER A 404 -0.98 -16.57 -12.18
CA SER A 404 -2.30 -17.04 -12.56
C SER A 404 -3.26 -16.85 -11.38
N ARG A 405 -2.69 -16.61 -10.20
CA ARG A 405 -3.48 -16.45 -8.98
C ARG A 405 -3.83 -15.00 -8.62
N THR A 406 -3.18 -14.03 -9.26
CA THR A 406 -3.40 -12.63 -8.93
C THR A 406 -3.47 -11.69 -10.13
N LEU A 407 -4.22 -10.60 -9.99
CA LEU A 407 -4.36 -9.61 -11.04
C LEU A 407 -3.12 -8.71 -11.07
N ASN A 408 -2.64 -8.34 -12.25
CA ASN A 408 -1.45 -7.49 -12.31
C ASN A 408 -1.68 -6.07 -11.78
N TYR A 409 -2.71 -5.39 -12.24
CA TYR A 409 -3.00 -4.05 -11.73
C TYR A 409 -4.49 -3.76 -11.73
N GLU A 410 -4.91 -2.87 -10.83
CA GLU A 410 -6.32 -2.52 -10.77
C GLU A 410 -6.61 -1.13 -11.32
N HIS A 411 -7.46 -1.10 -12.33
CA HIS A 411 -7.90 0.13 -12.96
C HIS A 411 -9.42 0.09 -12.87
N MET A 412 -9.99 0.85 -11.96
CA MET A 412 -11.44 0.91 -11.83
C MET A 412 -11.84 2.28 -11.30
N ASN A 413 -13.11 2.64 -11.52
CA ASN A 413 -13.62 3.93 -11.10
C ASN A 413 -12.75 5.05 -11.67
N LYS A 414 -12.21 4.80 -12.85
CA LYS A 414 -11.36 5.74 -13.57
C LYS A 414 -10.04 6.07 -12.87
N GLU A 415 -9.58 5.16 -12.01
CA GLU A 415 -8.33 5.37 -11.28
C GLU A 415 -7.25 4.37 -11.71
N ASN A 416 -6.01 4.85 -11.76
CA ASN A 416 -4.83 4.06 -12.14
C ASN A 416 -4.91 3.57 -13.59
N LYS A 417 -5.12 4.53 -14.49
CA LYS A 417 -5.24 4.25 -15.92
C LYS A 417 -3.98 3.73 -16.61
N ARG A 418 -2.81 4.00 -16.03
CA ARG A 418 -1.57 3.56 -16.66
C ARG A 418 -0.67 2.67 -15.80
N GLY A 419 -1.28 1.84 -14.96
CA GLY A 419 -0.50 0.95 -14.10
C GLY A 419 -0.20 -0.37 -14.77
N TRP A 420 -0.38 -0.42 -16.09
CA TRP A 420 -0.16 -1.62 -16.90
C TRP A 420 0.97 -2.57 -16.50
N TYR A 421 2.15 -2.01 -16.27
CA TYR A 421 3.32 -2.82 -15.97
C TYR A 421 3.84 -2.78 -14.53
N THR A 422 3.03 -2.31 -13.61
CA THR A 422 3.45 -2.20 -12.22
C THR A 422 3.68 -3.53 -11.49
N SER A 423 3.34 -4.65 -12.12
CA SER A 423 3.57 -5.95 -11.50
C SER A 423 4.30 -6.91 -12.45
N ASP A 424 4.85 -6.37 -13.54
CA ASP A 424 5.57 -7.19 -14.50
C ASP A 424 7.03 -7.37 -14.07
N GLY A 425 7.23 -7.66 -12.79
CA GLY A 425 8.57 -7.80 -12.28
C GLY A 425 9.15 -6.44 -11.98
N MET A 426 8.29 -5.53 -11.53
CA MET A 426 8.74 -4.18 -11.19
C MET A 426 9.39 -4.22 -9.81
N PHE A 427 10.45 -3.46 -9.61
CA PHE A 427 11.09 -3.42 -8.30
C PHE A 427 11.09 -2.00 -7.75
N TYR A 428 11.16 -1.91 -6.43
CA TYR A 428 11.21 -0.64 -5.73
C TYR A 428 12.47 -0.65 -4.86
N LEU A 429 13.14 0.49 -4.76
CA LEU A 429 14.32 0.63 -3.90
C LEU A 429 14.01 1.78 -2.96
N TYR A 430 14.09 1.50 -1.66
CA TYR A 430 13.83 2.50 -0.65
C TYR A 430 15.15 2.87 0.00
N ASN A 431 15.63 4.08 -0.30
CA ASN A 431 16.90 4.52 0.23
C ASN A 431 16.82 5.86 0.97
N GLY A 432 17.95 6.55 1.04
CA GLY A 432 18.01 7.83 1.73
C GLY A 432 17.07 8.90 1.21
N ASP A 433 16.58 8.75 -0.02
CA ASP A 433 15.62 9.71 -0.56
C ASP A 433 14.21 9.21 -0.25
N LEU A 434 13.72 9.57 0.93
CA LEU A 434 12.39 9.17 1.36
C LEU A 434 11.28 9.71 0.46
N SER A 435 11.57 10.77 -0.29
CA SER A 435 10.58 11.38 -1.17
C SER A 435 10.51 10.76 -2.57
N HIS A 436 11.34 9.76 -2.86
CA HIS A 436 11.39 9.18 -4.20
C HIS A 436 10.06 8.85 -4.87
N TYR A 437 9.21 8.08 -4.22
CA TYR A 437 7.94 7.69 -4.82
C TYR A 437 6.83 8.68 -4.50
N SER A 438 7.21 9.86 -4.01
CA SER A 438 6.26 10.91 -3.67
C SER A 438 6.54 12.15 -4.51
N ASP A 439 5.94 13.28 -4.12
CA ASP A 439 6.13 14.53 -4.86
C ASP A 439 5.83 14.39 -6.36
N GLY A 440 4.75 13.68 -6.68
CA GLY A 440 4.36 13.54 -8.07
C GLY A 440 5.03 12.46 -8.92
N TYR A 441 5.61 11.47 -8.26
CA TYR A 441 6.26 10.36 -8.97
C TYR A 441 5.28 9.67 -9.92
N TRP A 442 4.13 9.27 -9.41
CA TRP A 442 3.17 8.54 -10.23
C TRP A 442 2.65 9.20 -11.50
N PRO A 443 2.39 10.52 -11.47
CA PRO A 443 1.91 11.14 -12.71
C PRO A 443 3.03 11.55 -13.68
N THR A 444 4.28 11.46 -13.23
CA THR A 444 5.40 11.85 -14.08
C THR A 444 6.30 10.71 -14.55
N VAL A 445 6.24 9.56 -13.87
CA VAL A 445 7.05 8.43 -14.28
C VAL A 445 6.55 7.97 -15.66
N ASN A 446 7.45 7.51 -16.53
CA ASN A 446 7.07 7.03 -17.85
C ASN A 446 6.49 5.63 -17.62
N PRO A 447 5.16 5.48 -17.78
CA PRO A 447 4.48 4.20 -17.57
C PRO A 447 4.91 3.03 -18.45
N TYR A 448 5.59 3.34 -19.54
CA TYR A 448 6.05 2.31 -20.47
C TYR A 448 7.40 1.72 -20.06
N LYS A 449 8.03 2.33 -19.06
CA LYS A 449 9.35 1.87 -18.62
C LYS A 449 9.46 1.71 -17.11
N MET A 450 8.54 0.95 -16.52
CA MET A 450 8.60 0.74 -15.08
C MET A 450 9.88 -0.02 -14.76
N PRO A 451 10.61 0.40 -13.71
N PRO A 451 10.59 0.38 -13.69
CA PRO A 451 11.86 -0.25 -13.29
CA PRO A 451 11.84 -0.25 -13.26
C PRO A 451 11.81 -1.76 -13.14
C PRO A 451 11.81 -1.76 -13.10
N GLY A 452 12.73 -2.43 -13.80
CA GLY A 452 12.82 -3.89 -13.72
C GLY A 452 12.04 -4.66 -14.75
N THR A 453 11.10 -4.01 -15.43
CA THR A 453 10.26 -4.71 -16.40
C THR A 453 10.83 -4.87 -17.80
N THR A 454 10.47 -5.99 -18.43
CA THR A 454 10.88 -6.32 -19.78
C THR A 454 9.58 -6.21 -20.59
N GLU A 455 9.55 -5.29 -21.55
CA GLU A 455 8.34 -5.06 -22.36
C GLU A 455 8.68 -4.62 -23.78
N THR A 456 7.66 -4.64 -24.64
CA THR A 456 7.83 -4.16 -26.02
C THR A 456 7.36 -2.71 -25.93
N ASP A 457 7.57 -1.94 -26.98
CA ASP A 457 7.17 -0.53 -26.95
C ASP A 457 5.81 -0.23 -27.59
N ALA A 458 4.95 -1.23 -27.70
CA ALA A 458 3.64 -1.04 -28.28
C ALA A 458 2.81 -0.08 -27.43
N LYS A 459 1.98 0.73 -28.07
CA LYS A 459 1.14 1.68 -27.37
C LYS A 459 0.08 0.93 -26.56
N ARG A 460 -0.27 1.48 -25.40
CA ARG A 460 -1.29 0.86 -24.54
C ARG A 460 -2.44 1.84 -24.35
N ALA A 461 -3.64 1.30 -24.19
CA ALA A 461 -4.84 2.11 -24.00
C ALA A 461 -5.17 2.31 -22.52
N ASP A 462 -5.57 3.53 -22.17
CA ASP A 462 -5.93 3.84 -20.78
C ASP A 462 -7.16 3.04 -20.37
N SER A 463 -7.99 2.68 -21.33
CA SER A 463 -9.22 1.93 -21.07
C SER A 463 -9.01 0.45 -20.73
N ASP A 464 -7.79 -0.04 -20.88
CA ASP A 464 -7.51 -1.44 -20.57
C ASP A 464 -7.69 -1.72 -19.08
N THR A 465 -7.87 -3.00 -18.74
CA THR A 465 -8.02 -3.41 -17.34
C THR A 465 -7.04 -4.55 -17.07
N GLY A 466 -6.87 -4.86 -15.78
CA GLY A 466 -5.94 -5.91 -15.38
C GLY A 466 -6.21 -7.30 -15.89
N LYS A 467 -5.19 -8.16 -15.80
CA LYS A 467 -5.28 -9.54 -16.25
C LYS A 467 -4.47 -10.42 -15.30
N VAL A 468 -4.67 -11.74 -15.38
CA VAL A 468 -3.88 -12.65 -14.57
C VAL A 468 -2.82 -13.20 -15.52
N LEU A 469 -1.77 -13.80 -14.96
CA LEU A 469 -0.69 -14.34 -15.77
C LEU A 469 -1.02 -15.77 -16.20
N PRO A 470 -0.62 -16.17 -17.42
CA PRO A 470 -0.92 -17.54 -17.84
C PRO A 470 -0.29 -18.60 -16.93
N SER A 471 0.93 -18.32 -16.46
CA SER A 471 1.66 -19.28 -15.63
C SER A 471 1.51 -19.13 -14.12
N ALA A 472 1.65 -20.25 -13.42
CA ALA A 472 1.59 -20.27 -11.96
C ALA A 472 3.01 -20.34 -11.40
N PHE A 473 4.00 -20.39 -12.29
CA PHE A 473 5.40 -20.49 -11.87
C PHE A 473 5.95 -19.12 -11.49
N VAL A 474 5.48 -18.62 -10.36
CA VAL A 474 5.87 -17.31 -9.85
C VAL A 474 5.95 -17.45 -8.34
N GLY A 475 7.09 -17.11 -7.74
CA GLY A 475 7.18 -17.25 -6.29
C GLY A 475 8.55 -17.01 -5.72
N THR A 476 8.60 -16.96 -4.38
CA THR A 476 9.83 -16.70 -3.65
C THR A 476 10.16 -17.78 -2.61
N SER A 477 11.41 -18.19 -2.58
CA SER A 477 11.89 -19.16 -1.59
C SER A 477 12.77 -18.38 -0.63
N LYS A 478 12.35 -18.28 0.63
CA LYS A 478 13.09 -17.53 1.64
C LYS A 478 13.93 -18.45 2.54
N LEU A 479 15.21 -18.11 2.71
CA LEU A 479 16.09 -18.89 3.57
C LEU A 479 16.12 -18.30 4.98
N ASP A 480 16.35 -16.99 5.06
CA ASP A 480 16.40 -16.30 6.35
C ASP A 480 15.99 -14.85 6.22
N ASP A 481 16.33 -14.03 7.21
CA ASP A 481 15.96 -12.61 7.20
C ASP A 481 16.70 -11.76 6.17
N ALA A 482 17.71 -12.31 5.51
CA ALA A 482 18.47 -11.53 4.55
C ALA A 482 18.64 -12.14 3.16
N ASN A 483 18.27 -13.41 3.00
CA ASN A 483 18.46 -14.10 1.73
C ASN A 483 17.23 -14.82 1.20
N ALA A 484 16.92 -14.59 -0.07
CA ALA A 484 15.78 -15.22 -0.72
C ALA A 484 15.96 -15.20 -2.23
N THR A 485 15.21 -16.04 -2.92
CA THR A 485 15.28 -16.14 -4.38
C THR A 485 13.86 -16.14 -4.95
N ALA A 486 13.66 -15.45 -6.07
CA ALA A 486 12.34 -15.38 -6.67
C ALA A 486 12.40 -15.55 -8.18
N THR A 487 11.28 -15.95 -8.78
CA THR A 487 11.24 -16.09 -10.23
C THR A 487 9.84 -15.80 -10.74
N MET A 488 9.76 -15.46 -12.02
CA MET A 488 8.50 -15.18 -12.68
C MET A 488 8.59 -15.65 -14.12
N ASP A 489 7.76 -16.64 -14.47
CA ASP A 489 7.71 -17.18 -15.82
C ASP A 489 6.84 -16.20 -16.59
N PHE A 490 7.48 -15.10 -17.03
CA PHE A 490 6.80 -13.99 -17.69
C PHE A 490 6.39 -14.08 -19.15
N THR A 491 5.17 -13.59 -19.41
CA THR A 491 4.60 -13.48 -20.76
C THR A 491 3.92 -12.11 -20.71
N ASN A 492 4.12 -11.28 -21.72
CA ASN A 492 3.50 -9.95 -21.66
C ASN A 492 2.01 -9.95 -21.97
N TRP A 493 1.39 -8.79 -21.84
CA TRP A 493 -0.05 -8.61 -21.99
C TRP A 493 -0.73 -9.15 -23.25
N ASN A 494 -0.04 -9.14 -24.39
CA ASN A 494 -0.64 -9.63 -25.63
C ASN A 494 0.05 -10.88 -26.19
N GLN A 495 0.75 -11.59 -25.31
CA GLN A 495 1.44 -12.80 -25.68
C GLN A 495 2.36 -12.66 -26.90
N THR A 496 3.20 -11.63 -26.89
CA THR A 496 4.16 -11.44 -27.97
C THR A 496 5.59 -11.50 -27.41
N LEU A 497 5.72 -11.47 -26.10
CA LEU A 497 7.04 -11.51 -25.48
C LEU A 497 7.09 -12.39 -24.24
N THR A 498 8.21 -13.09 -24.06
CA THR A 498 8.41 -13.96 -22.91
C THR A 498 9.79 -13.71 -22.32
N ALA A 499 9.97 -14.16 -21.08
CA ALA A 499 11.25 -14.03 -20.39
C ALA A 499 11.20 -14.75 -19.06
N HIS A 500 12.28 -15.45 -18.73
CA HIS A 500 12.39 -16.13 -17.44
C HIS A 500 13.08 -15.09 -16.58
N LYS A 501 12.33 -14.40 -15.73
CA LYS A 501 12.90 -13.36 -14.89
C LYS A 501 13.11 -13.89 -13.48
N SER A 502 14.31 -13.67 -12.93
CA SER A 502 14.60 -14.14 -11.59
C SER A 502 15.35 -13.09 -10.79
N TRP A 503 15.23 -13.18 -9.47
CA TRP A 503 15.87 -12.23 -8.57
C TRP A 503 16.56 -12.98 -7.44
N PHE A 504 17.75 -12.53 -7.07
CA PHE A 504 18.52 -13.19 -6.03
C PHE A 504 18.87 -12.17 -4.96
N MET A 505 18.07 -12.18 -3.90
CA MET A 505 18.25 -11.28 -2.78
C MET A 505 19.33 -11.85 -1.88
N LEU A 506 20.47 -11.16 -1.87
CA LEU A 506 21.62 -11.61 -1.12
C LEU A 506 22.14 -10.64 -0.06
N LYS A 507 21.29 -10.38 0.93
N LYS A 507 21.30 -10.38 0.94
CA LYS A 507 21.57 -9.48 2.05
CA LYS A 507 21.60 -9.50 2.06
C LYS A 507 21.76 -8.00 1.77
C LYS A 507 21.77 -8.00 1.78
N ASP A 508 22.83 -7.65 1.05
CA ASP A 508 23.09 -6.24 0.75
C ASP A 508 23.10 -5.88 -0.72
N LYS A 509 22.46 -6.71 -1.53
CA LYS A 509 22.42 -6.52 -2.97
C LYS A 509 21.38 -7.48 -3.55
N ILE A 510 20.93 -7.20 -4.76
CA ILE A 510 19.95 -8.05 -5.43
C ILE A 510 20.40 -8.30 -6.87
N ALA A 511 20.48 -9.56 -7.27
CA ALA A 511 20.88 -9.89 -8.64
C ALA A 511 19.62 -10.02 -9.47
N PHE A 512 19.66 -9.47 -10.69
CA PHE A 512 18.55 -9.54 -11.62
C PHE A 512 19.01 -10.37 -12.80
N LEU A 513 18.36 -11.51 -13.04
CA LEU A 513 18.73 -12.34 -14.18
C LEU A 513 17.53 -12.57 -15.09
N GLY A 514 17.76 -12.50 -16.39
CA GLY A 514 16.69 -12.71 -17.35
C GLY A 514 17.21 -13.59 -18.47
N SER A 515 16.43 -14.59 -18.87
CA SER A 515 16.85 -15.47 -19.96
C SER A 515 15.66 -15.83 -20.82
N ASN A 516 15.92 -16.52 -21.93
CA ASN A 516 14.84 -16.96 -22.82
C ASN A 516 13.97 -15.79 -23.27
N ILE A 517 14.56 -14.63 -23.51
CA ILE A 517 13.79 -13.47 -23.95
C ILE A 517 13.44 -13.62 -25.42
N GLN A 518 12.14 -13.66 -25.71
CA GLN A 518 11.65 -13.83 -27.07
C GLN A 518 10.59 -12.80 -27.43
N ASN A 519 10.57 -12.39 -28.69
CA ASN A 519 9.62 -11.39 -29.17
C ASN A 519 9.11 -11.78 -30.56
N THR A 520 7.80 -11.93 -30.69
CA THR A 520 7.21 -12.30 -31.97
C THR A 520 6.50 -11.14 -32.65
N SER A 521 6.61 -9.95 -32.06
CA SER A 521 5.95 -8.77 -32.63
C SER A 521 6.92 -7.93 -33.45
N THR A 522 6.38 -6.86 -34.04
CA THR A 522 7.18 -5.95 -34.85
C THR A 522 7.69 -4.81 -33.97
N ASP A 523 7.29 -4.84 -32.70
CA ASP A 523 7.69 -3.82 -31.74
C ASP A 523 9.06 -4.16 -31.17
N THR A 524 9.75 -3.14 -30.64
CA THR A 524 11.07 -3.33 -30.06
C THR A 524 10.94 -3.74 -28.59
N ALA A 525 11.80 -4.66 -28.16
CA ALA A 525 11.77 -5.13 -26.77
C ALA A 525 12.99 -4.63 -26.01
N ALA A 526 12.81 -4.40 -24.71
CA ALA A 526 13.89 -3.92 -23.86
C ALA A 526 13.50 -4.07 -22.40
N THR A 527 14.51 -4.12 -21.53
CA THR A 527 14.28 -4.22 -20.09
C THR A 527 14.72 -2.90 -19.48
N THR A 528 13.87 -2.31 -18.65
CA THR A 528 14.24 -1.07 -17.98
C THR A 528 15.01 -1.43 -16.72
N ILE A 529 16.30 -1.15 -16.72
CA ILE A 529 17.15 -1.44 -15.58
C ILE A 529 16.73 -0.53 -14.42
N ASP A 530 16.40 0.72 -14.74
CA ASP A 530 15.95 1.65 -13.72
C ASP A 530 15.37 2.92 -14.35
N GLN A 531 14.53 3.59 -13.58
CA GLN A 531 13.93 4.88 -13.94
C GLN A 531 13.81 5.51 -12.56
N ARG A 532 14.86 6.22 -12.18
CA ARG A 532 14.94 6.83 -10.86
C ARG A 532 14.61 8.32 -10.85
N LYS A 533 13.69 8.73 -9.99
CA LYS A 533 13.31 10.14 -9.86
C LYS A 533 14.42 10.86 -9.09
N LEU A 534 14.86 12.00 -9.61
CA LEU A 534 15.95 12.75 -9.01
C LEU A 534 15.53 13.90 -8.12
N GLU A 535 16.48 14.37 -7.32
CA GLU A 535 16.30 15.50 -6.41
C GLU A 535 17.20 16.63 -6.92
N SER A 536 16.64 17.82 -7.12
CA SER A 536 17.43 18.94 -7.60
C SER A 536 18.48 19.34 -6.56
N SER A 537 18.21 19.03 -5.29
CA SER A 537 19.13 19.37 -4.21
C SER A 537 20.32 18.41 -4.14
N ASN A 538 20.07 17.13 -4.43
CA ASN A 538 21.14 16.14 -4.39
C ASN A 538 21.42 15.54 -5.76
N PRO A 539 22.21 16.22 -6.59
CA PRO A 539 22.53 15.72 -7.93
C PRO A 539 23.44 14.49 -7.89
N TYR A 540 23.27 13.62 -8.88
CA TYR A 540 24.09 12.41 -9.00
C TYR A 540 25.22 12.63 -9.99
N LYS A 541 26.38 12.06 -9.69
CA LYS A 541 27.52 12.11 -10.59
C LYS A 541 27.48 10.69 -11.15
N VAL A 542 27.33 10.56 -12.47
CA VAL A 542 27.24 9.25 -13.10
C VAL A 542 28.55 8.70 -13.65
N TYR A 543 28.82 7.43 -13.35
CA TYR A 543 30.03 6.77 -13.83
C TYR A 543 29.68 5.51 -14.60
N VAL A 544 30.36 5.31 -15.72
CA VAL A 544 30.18 4.11 -16.54
C VAL A 544 31.58 3.51 -16.62
N ASN A 545 31.73 2.27 -16.20
CA ASN A 545 33.04 1.61 -16.18
C ASN A 545 34.01 2.47 -15.37
N ASP A 546 33.46 3.13 -14.35
CA ASP A 546 34.20 3.98 -13.42
C ASP A 546 34.76 5.28 -14.01
N LYS A 547 34.17 5.74 -15.12
CA LYS A 547 34.59 6.98 -15.76
C LYS A 547 33.36 7.87 -15.81
N GLU A 548 33.49 9.12 -15.38
CA GLU A 548 32.36 10.03 -15.38
C GLU A 548 31.70 10.15 -16.75
N ALA A 549 30.37 10.14 -16.76
CA ALA A 549 29.60 10.26 -18.00
C ALA A 549 28.63 11.43 -17.84
N SER A 550 28.37 12.12 -18.95
CA SER A 550 27.45 13.26 -18.93
C SER A 550 26.17 12.87 -19.64
N LEU A 551 25.10 12.70 -18.87
CA LEU A 551 23.81 12.33 -19.44
C LEU A 551 23.02 13.51 -19.97
N THR A 552 22.25 13.27 -21.01
CA THR A 552 21.43 14.29 -21.63
C THR A 552 20.00 13.78 -21.78
N GLU A 553 19.08 14.65 -22.20
CA GLU A 553 17.71 14.23 -22.39
C GLU A 553 17.66 13.21 -23.52
N GLN A 554 18.58 13.35 -24.47
CA GLN A 554 18.63 12.40 -25.59
C GLN A 554 19.39 11.17 -25.14
N GLU A 555 18.84 10.01 -25.49
CA GLU A 555 19.41 8.72 -25.12
C GLU A 555 20.82 8.50 -25.66
N LYS A 556 21.73 8.07 -24.79
CA LYS A 556 23.11 7.78 -25.19
C LYS A 556 23.38 6.29 -25.02
N ASP A 557 24.07 5.70 -25.98
CA ASP A 557 24.39 4.29 -25.92
C ASP A 557 25.75 4.04 -25.29
N TYR A 558 25.83 2.99 -24.48
CA TYR A 558 27.07 2.61 -23.83
C TYR A 558 27.35 1.13 -24.03
N PRO A 559 28.00 0.78 -25.14
CA PRO A 559 28.30 -0.63 -25.41
C PRO A 559 29.45 -1.12 -24.52
N GLU A 560 29.49 -2.42 -24.26
CA GLU A 560 30.52 -3.00 -23.43
C GLU A 560 30.58 -2.39 -22.03
N THR A 561 29.41 -2.26 -21.40
CA THR A 561 29.33 -1.70 -20.06
C THR A 561 29.46 -2.80 -19.01
N GLN A 562 30.37 -2.60 -18.06
CA GLN A 562 30.59 -3.56 -16.98
C GLN A 562 29.93 -3.04 -15.72
N SER A 563 29.83 -1.73 -15.60
CA SER A 563 29.22 -1.14 -14.42
C SER A 563 28.74 0.29 -14.63
N VAL A 564 27.78 0.68 -13.79
CA VAL A 564 27.21 2.02 -13.78
C VAL A 564 27.09 2.39 -12.31
N PHE A 565 27.55 3.57 -11.93
CA PHE A 565 27.47 3.98 -10.55
C PHE A 565 26.89 5.38 -10.44
N LEU A 566 25.87 5.53 -9.59
CA LEU A 566 25.22 6.81 -9.36
C LEU A 566 25.72 7.30 -8.01
N GLU A 567 26.55 8.34 -8.05
CA GLU A 567 27.18 8.88 -6.85
C GLU A 567 26.55 10.15 -6.29
N SER A 568 26.10 10.05 -5.04
CA SER A 568 25.47 11.17 -4.33
C SER A 568 26.43 11.64 -3.23
N SER A 569 26.14 12.79 -2.64
CA SER A 569 26.97 13.30 -1.56
C SER A 569 26.63 12.51 -0.30
N ASP A 570 25.50 11.80 -0.35
CA ASP A 570 25.04 10.97 0.74
C ASP A 570 25.16 9.51 0.30
N SER A 571 26.06 8.76 0.95
CA SER A 571 26.26 7.37 0.57
C SER A 571 24.98 6.54 0.62
N LYS A 572 24.05 6.93 1.50
CA LYS A 572 22.78 6.21 1.62
C LYS A 572 21.84 6.42 0.43
N LYS A 573 22.30 7.16 -0.58
CA LYS A 573 21.50 7.38 -1.77
C LYS A 573 22.20 6.82 -3.01
N ASN A 574 23.41 6.27 -2.82
CA ASN A 574 24.16 5.71 -3.94
C ASN A 574 23.55 4.43 -4.50
N ILE A 575 23.65 4.30 -5.83
CA ILE A 575 23.12 3.11 -6.50
C ILE A 575 24.11 2.62 -7.54
N GLY A 576 24.52 1.37 -7.42
CA GLY A 576 25.45 0.82 -8.39
C GLY A 576 24.86 -0.38 -9.12
N TYR A 577 25.24 -0.56 -10.38
CA TYR A 577 24.76 -1.69 -11.17
C TYR A 577 25.98 -2.37 -11.77
N PHE A 578 26.14 -3.65 -11.47
CA PHE A 578 27.27 -4.44 -11.96
C PHE A 578 26.77 -5.50 -12.94
N PHE A 579 27.23 -5.43 -14.19
CA PHE A 579 26.84 -6.39 -15.21
C PHE A 579 27.84 -7.55 -15.23
N PHE A 580 27.36 -8.74 -14.87
CA PHE A 580 28.20 -9.94 -14.81
C PHE A 580 29.01 -10.11 -16.10
N LYS A 581 28.35 -9.83 -17.22
CA LYS A 581 29.00 -9.89 -18.52
C LYS A 581 28.73 -8.53 -19.17
N LYS A 582 29.76 -7.95 -19.78
CA LYS A 582 29.61 -6.64 -20.42
C LYS A 582 28.33 -6.60 -21.23
N SER A 583 27.55 -5.53 -21.04
CA SER A 583 26.28 -5.40 -21.73
C SER A 583 26.15 -4.07 -22.46
N SER A 584 25.26 -4.05 -23.45
CA SER A 584 25.00 -2.86 -24.23
C SER A 584 23.76 -2.18 -23.66
N ILE A 585 23.95 -1.01 -23.06
CA ILE A 585 22.83 -0.28 -22.48
C ILE A 585 22.75 1.14 -23.01
N SER A 586 21.69 1.84 -22.61
CA SER A 586 21.51 3.22 -23.01
C SER A 586 21.01 3.98 -21.78
N MET A 587 21.36 5.25 -21.68
CA MET A 587 20.93 6.05 -20.53
C MET A 587 20.55 7.46 -20.93
N SER A 588 19.71 8.07 -20.11
CA SER A 588 19.28 9.45 -20.35
C SER A 588 18.78 10.07 -19.05
N LYS A 589 18.79 11.40 -19.00
CA LYS A 589 18.32 12.14 -17.83
C LYS A 589 17.43 13.22 -18.42
N ALA A 590 16.15 13.19 -18.10
CA ALA A 590 15.23 14.16 -18.67
C ALA A 590 14.07 14.57 -17.78
N LEU A 591 13.55 15.76 -18.05
CA LEU A 591 12.41 16.29 -17.31
C LEU A 591 11.16 15.64 -17.90
N GLN A 592 10.33 15.06 -17.03
CA GLN A 592 9.11 14.41 -17.49
C GLN A 592 7.93 15.13 -16.85
N LYS A 593 6.98 15.54 -17.69
CA LYS A 593 5.80 16.27 -17.22
C LYS A 593 4.53 15.44 -17.30
N GLY A 594 3.57 15.77 -16.45
CA GLY A 594 2.30 15.05 -16.44
C GLY A 594 1.37 15.65 -15.41
N ALA A 595 0.14 15.12 -15.34
CA ALA A 595 -0.84 15.61 -14.38
C ALA A 595 -1.50 14.39 -13.73
N TRP A 596 -1.91 14.54 -12.48
CA TRP A 596 -2.56 13.42 -11.81
C TRP A 596 -3.83 12.99 -12.56
N LYS A 597 -4.50 13.95 -13.19
CA LYS A 597 -5.72 13.62 -13.93
C LYS A 597 -5.42 12.64 -15.07
N ASP A 598 -4.18 12.62 -15.55
CA ASP A 598 -3.80 11.72 -16.63
C ASP A 598 -3.95 10.25 -16.21
N ILE A 599 -3.72 9.97 -14.92
CA ILE A 599 -3.83 8.60 -14.43
C ILE A 599 -5.02 8.35 -13.52
N ASN A 600 -5.78 9.40 -13.23
CA ASN A 600 -6.96 9.29 -12.38
C ASN A 600 -7.93 10.42 -12.71
N GLU A 601 -9.03 10.08 -13.38
CA GLU A 601 -10.03 11.07 -13.80
C GLU A 601 -10.48 12.10 -12.78
N GLY A 602 -10.58 11.70 -11.51
CA GLY A 602 -11.03 12.61 -10.49
C GLY A 602 -9.96 13.50 -9.87
N GLN A 603 -8.74 13.42 -10.38
CA GLN A 603 -7.64 14.23 -9.83
C GLN A 603 -7.42 15.54 -10.60
N SER A 604 -6.52 16.37 -10.09
CA SER A 604 -6.22 17.67 -10.69
C SER A 604 -5.50 17.60 -12.04
N ASP A 605 -5.83 18.51 -12.93
CA ASP A 605 -5.19 18.57 -14.25
C ASP A 605 -3.98 19.47 -14.21
N LYS A 606 -3.60 19.93 -13.02
CA LYS A 606 -2.46 20.82 -12.87
C LYS A 606 -1.18 20.08 -13.26
N GLU A 607 -0.34 20.70 -14.07
CA GLU A 607 0.89 20.07 -14.51
C GLU A 607 1.90 19.86 -13.38
N VAL A 608 2.52 18.68 -13.39
CA VAL A 608 3.53 18.30 -12.41
C VAL A 608 4.75 17.88 -13.23
N GLU A 609 5.95 18.04 -12.67
CA GLU A 609 7.16 17.65 -13.38
C GLU A 609 8.26 17.18 -12.45
N ASN A 610 9.08 16.26 -12.95
CA ASN A 610 10.20 15.70 -12.21
C ASN A 610 11.27 15.22 -13.19
N GLU A 611 12.51 15.20 -12.74
CA GLU A 611 13.63 14.75 -13.56
C GLU A 611 13.84 13.26 -13.26
N PHE A 612 14.05 12.46 -14.31
CA PHE A 612 14.27 11.02 -14.13
C PHE A 612 15.51 10.55 -14.88
N LEU A 613 16.21 9.56 -14.30
CA LEU A 613 17.38 8.98 -14.93
C LEU A 613 16.94 7.58 -15.35
N THR A 614 16.92 7.34 -16.66
CA THR A 614 16.49 6.04 -17.19
C THR A 614 17.65 5.22 -17.75
N ILE A 615 17.68 3.94 -17.39
CA ILE A 615 18.72 3.02 -17.84
C ILE A 615 18.00 1.83 -18.46
N SER A 616 18.35 1.46 -19.70
CA SER A 616 17.69 0.34 -20.34
C SER A 616 18.60 -0.52 -21.19
N GLN A 617 18.14 -1.73 -21.48
CA GLN A 617 18.90 -2.67 -22.29
C GLN A 617 17.99 -3.27 -23.36
N ALA A 618 18.33 -3.05 -24.62
CA ALA A 618 17.52 -3.57 -25.72
C ALA A 618 17.76 -5.05 -25.95
N HIS A 619 16.70 -5.75 -26.39
CA HIS A 619 16.77 -7.18 -26.68
C HIS A 619 16.31 -7.36 -28.13
N LYS A 620 17.25 -7.30 -29.06
CA LYS A 620 16.93 -7.40 -30.48
C LYS A 620 16.88 -8.80 -31.08
N GLN A 621 17.26 -9.82 -30.32
CA GLN A 621 17.23 -11.20 -30.84
C GLN A 621 16.56 -12.19 -29.89
N ASN A 622 15.97 -13.24 -30.46
CA ASN A 622 15.32 -14.26 -29.65
C ASN A 622 16.41 -15.01 -28.90
N GLY A 623 16.15 -15.32 -27.63
CA GLY A 623 17.13 -16.03 -26.84
C GLY A 623 18.03 -15.08 -26.07
N ASP A 624 17.73 -13.79 -26.14
CA ASP A 624 18.51 -12.77 -25.44
C ASP A 624 18.41 -12.93 -23.93
N SER A 625 19.25 -12.21 -23.21
CA SER A 625 19.27 -12.28 -21.75
C SER A 625 19.88 -11.03 -21.13
N TYR A 626 19.74 -10.90 -19.82
CA TYR A 626 20.33 -9.78 -19.09
C TYR A 626 20.77 -10.31 -17.74
N GLY A 627 21.74 -9.64 -17.13
CA GLY A 627 22.22 -10.09 -15.84
C GLY A 627 23.04 -9.01 -15.16
N TYR A 628 22.57 -8.56 -14.02
CA TYR A 628 23.29 -7.51 -13.29
C TYR A 628 22.96 -7.53 -11.80
N MET A 629 23.85 -6.94 -11.01
CA MET A 629 23.69 -6.87 -9.57
C MET A 629 23.44 -5.44 -9.12
N LEU A 630 22.35 -5.23 -8.40
CA LEU A 630 22.01 -3.91 -7.87
C LEU A 630 22.66 -3.82 -6.49
N ILE A 631 23.58 -2.86 -6.32
CA ILE A 631 24.30 -2.69 -5.06
C ILE A 631 24.08 -1.28 -4.54
N PRO A 632 23.19 -1.13 -3.55
CA PRO A 632 22.92 0.21 -3.01
C PRO A 632 23.67 0.56 -1.72
N ASN A 633 23.67 1.85 -1.42
CA ASN A 633 24.22 2.39 -0.19
C ASN A 633 25.71 2.19 0.17
N VAL A 634 26.58 2.14 -0.83
CA VAL A 634 28.02 2.01 -0.57
C VAL A 634 28.69 3.11 -1.39
N ASP A 635 29.88 3.56 -0.98
CA ASP A 635 30.55 4.59 -1.76
C ASP A 635 31.24 3.99 -2.98
N ARG A 636 31.70 4.86 -3.86
CA ARG A 636 32.36 4.46 -5.10
C ARG A 636 33.49 3.45 -4.95
N ALA A 637 34.44 3.72 -4.06
CA ALA A 637 35.56 2.81 -3.86
C ALA A 637 35.11 1.43 -3.39
N THR A 638 34.13 1.41 -2.50
CA THR A 638 33.62 0.16 -1.96
C THR A 638 32.89 -0.63 -3.05
N PHE A 639 32.12 0.08 -3.88
CA PHE A 639 31.39 -0.56 -4.98
C PHE A 639 32.41 -1.22 -5.92
N ASN A 640 33.48 -0.49 -6.24
CA ASN A 640 34.50 -1.02 -7.14
C ASN A 640 35.17 -2.26 -6.56
N GLN A 641 35.27 -2.32 -5.24
CA GLN A 641 35.87 -3.47 -4.58
C GLN A 641 34.92 -4.66 -4.63
N MET A 642 33.64 -4.38 -4.40
CA MET A 642 32.61 -5.43 -4.42
C MET A 642 32.45 -6.11 -5.77
N ILE A 643 32.50 -5.35 -6.85
CA ILE A 643 32.34 -5.97 -8.16
C ILE A 643 33.53 -6.87 -8.48
N LYS A 644 34.67 -6.60 -7.86
CA LYS A 644 35.84 -7.45 -8.07
C LYS A 644 35.57 -8.76 -7.34
N GLU A 645 35.01 -8.67 -6.14
CA GLU A 645 34.70 -9.85 -5.35
C GLU A 645 33.62 -10.69 -6.05
N LEU A 646 32.71 -10.01 -6.72
CA LEU A 646 31.59 -10.68 -7.40
C LEU A 646 31.87 -11.06 -8.85
N GLU A 647 33.12 -10.91 -9.28
CA GLU A 647 33.51 -11.23 -10.64
C GLU A 647 32.94 -12.53 -11.19
N SER A 648 33.00 -13.60 -10.40
CA SER A 648 32.51 -14.91 -10.85
C SER A 648 31.26 -15.39 -10.11
N SER A 649 30.48 -14.46 -9.58
CA SER A 649 29.27 -14.81 -8.84
C SER A 649 28.16 -15.42 -9.71
N LEU A 650 28.15 -15.11 -11.01
CA LEU A 650 27.12 -15.67 -11.90
C LEU A 650 27.44 -17.13 -12.21
N ILE A 651 26.60 -18.04 -11.74
CA ILE A 651 26.81 -19.46 -11.96
C ILE A 651 26.25 -19.89 -13.31
N GLU A 652 25.04 -19.43 -13.62
CA GLU A 652 24.39 -19.76 -14.88
C GLU A 652 23.18 -18.86 -15.12
N ASN A 653 22.86 -18.65 -16.38
CA ASN A 653 21.71 -17.84 -16.76
C ASN A 653 21.20 -18.27 -18.13
N ASN A 654 20.54 -19.43 -18.18
CA ASN A 654 19.99 -19.91 -19.44
C ASN A 654 18.51 -20.24 -19.31
N GLU A 655 17.95 -20.83 -20.35
CA GLU A 655 16.52 -21.17 -20.41
C GLU A 655 16.01 -22.20 -19.41
N THR A 656 16.90 -22.90 -18.73
CA THR A 656 16.45 -23.89 -17.75
C THR A 656 17.05 -23.69 -16.36
N LEU A 657 18.16 -22.98 -16.27
CA LEU A 657 18.82 -22.76 -14.99
C LEU A 657 19.40 -21.36 -14.80
N GLN A 658 19.10 -20.77 -13.65
CA GLN A 658 19.60 -19.43 -13.31
C GLN A 658 20.10 -19.49 -11.86
N SER A 659 21.34 -19.08 -11.65
CA SER A 659 21.91 -19.12 -10.30
C SER A 659 23.02 -18.13 -10.07
N VAL A 660 23.06 -17.58 -8.86
CA VAL A 660 24.06 -16.62 -8.44
C VAL A 660 24.62 -17.09 -7.10
N TYR A 661 25.94 -16.96 -6.94
CA TYR A 661 26.61 -17.39 -5.72
C TYR A 661 27.30 -16.24 -4.99
N ASP A 662 27.07 -16.16 -3.68
CA ASP A 662 27.67 -15.14 -2.82
C ASP A 662 28.74 -15.87 -2.00
N ALA A 663 29.99 -15.81 -2.44
CA ALA A 663 31.08 -16.51 -1.77
C ALA A 663 31.35 -16.02 -0.34
N LYS A 664 31.17 -14.73 -0.11
CA LYS A 664 31.41 -14.16 1.21
C LYS A 664 30.43 -14.75 2.24
N GLN A 665 29.18 -14.89 1.83
CA GLN A 665 28.15 -15.47 2.71
C GLN A 665 28.10 -16.98 2.65
N GLY A 666 28.46 -17.54 1.51
CA GLY A 666 28.39 -18.98 1.33
C GLY A 666 26.95 -19.31 1.01
N VAL A 667 26.30 -18.43 0.25
CA VAL A 667 24.89 -18.61 -0.12
C VAL A 667 24.68 -18.70 -1.63
N TRP A 668 23.79 -19.61 -2.02
CA TRP A 668 23.44 -19.79 -3.44
C TRP A 668 21.97 -19.51 -3.64
N GLY A 669 21.64 -18.88 -4.76
CA GLY A 669 20.26 -18.61 -5.12
C GLY A 669 20.12 -19.43 -6.40
N ILE A 670 19.07 -20.24 -6.51
CA ILE A 670 18.89 -21.08 -7.71
C ILE A 670 17.46 -21.20 -8.20
N VAL A 671 17.27 -21.06 -9.50
CA VAL A 671 15.94 -21.22 -10.09
C VAL A 671 16.06 -22.29 -11.18
N LYS A 672 15.26 -23.34 -11.08
CA LYS A 672 15.24 -24.43 -12.05
C LYS A 672 13.90 -24.50 -12.75
N TYR A 673 13.90 -24.49 -14.08
CA TYR A 673 12.65 -24.57 -14.83
C TYR A 673 12.29 -26.01 -15.23
N ASP A 674 13.18 -26.97 -14.97
CA ASP A 674 12.88 -28.37 -15.27
C ASP A 674 13.46 -29.31 -14.21
N ASP A 675 13.11 -30.59 -14.30
CA ASP A 675 13.56 -31.57 -13.32
C ASP A 675 14.88 -32.28 -13.63
N SER A 676 15.75 -31.66 -14.40
CA SER A 676 17.04 -32.26 -14.73
C SER A 676 17.94 -32.15 -13.50
N VAL A 677 18.99 -32.95 -13.45
CA VAL A 677 19.92 -32.89 -12.32
C VAL A 677 20.92 -31.77 -12.58
N SER A 678 20.91 -30.76 -11.72
CA SER A 678 21.82 -29.63 -11.87
C SER A 678 22.91 -29.67 -10.81
N THR A 679 24.16 -29.77 -11.26
CA THR A 679 25.30 -29.80 -10.34
C THR A 679 25.76 -28.36 -10.16
N ILE A 680 25.86 -27.94 -8.90
CA ILE A 680 26.24 -26.57 -8.56
C ILE A 680 27.59 -26.44 -7.88
N SER A 681 28.45 -25.59 -8.44
CA SER A 681 29.78 -25.33 -7.90
C SER A 681 30.54 -26.59 -7.50
N ASN A 682 30.24 -27.70 -8.17
CA ASN A 682 30.89 -28.97 -7.89
C ASN A 682 30.83 -29.32 -6.40
N GLN A 683 29.74 -28.94 -5.74
CA GLN A 683 29.55 -29.21 -4.33
C GLN A 683 28.25 -29.95 -4.02
N PHE A 684 27.21 -29.67 -4.80
CA PHE A 684 25.93 -30.33 -4.58
C PHE A 684 25.07 -30.32 -5.82
N GLN A 685 23.95 -31.03 -5.76
CA GLN A 685 23.03 -31.11 -6.88
C GLN A 685 21.60 -30.80 -6.43
N VAL A 686 20.87 -30.09 -7.29
CA VAL A 686 19.47 -29.77 -7.03
C VAL A 686 18.71 -30.55 -8.10
N LEU A 687 17.62 -31.19 -7.71
CA LEU A 687 16.89 -32.09 -8.60
C LEU A 687 15.50 -31.77 -9.12
N LYS A 688 14.86 -30.73 -8.61
CA LYS A 688 13.49 -30.43 -9.04
C LYS A 688 13.22 -29.01 -9.51
N ARG A 689 12.28 -28.89 -10.44
CA ARG A 689 11.84 -27.60 -10.96
C ARG A 689 11.42 -26.83 -9.72
N GLY A 690 11.83 -25.57 -9.62
CA GLY A 690 11.47 -24.78 -8.44
C GLY A 690 12.49 -23.71 -8.10
N VAL A 691 12.34 -23.12 -6.92
CA VAL A 691 13.20 -22.04 -6.46
C VAL A 691 13.94 -22.43 -5.18
N TYR A 692 15.24 -22.15 -5.13
CA TYR A 692 16.07 -22.51 -3.98
C TYR A 692 16.95 -21.38 -3.45
N THR A 693 17.22 -21.43 -2.15
CA THR A 693 18.13 -20.51 -1.48
C THR A 693 18.84 -21.45 -0.50
N ILE A 694 20.13 -21.63 -0.71
CA ILE A 694 20.95 -22.55 0.09
C ILE A 694 22.17 -21.90 0.72
N ARG A 695 22.48 -22.29 1.94
N ARG A 695 22.48 -22.27 1.96
CA ARG A 695 23.63 -21.76 2.67
CA ARG A 695 23.65 -21.73 2.65
C ARG A 695 24.53 -22.91 3.14
C ARG A 695 24.52 -22.86 3.17
N LYS A 696 25.83 -22.76 2.95
CA LYS A 696 26.77 -23.77 3.40
C LYS A 696 27.43 -23.28 4.67
N GLU A 697 27.36 -24.09 5.72
CA GLU A 697 27.97 -23.76 7.00
C GLU A 697 28.83 -24.97 7.37
N GLY A 698 30.14 -24.84 7.20
CA GLY A 698 31.02 -25.95 7.50
C GLY A 698 30.75 -27.01 6.44
N ASP A 699 30.38 -28.21 6.88
CA ASP A 699 30.06 -29.28 5.94
C ASP A 699 28.55 -29.44 5.90
N GLU A 700 27.86 -28.50 6.55
CA GLU A 700 26.40 -28.50 6.62
C GLU A 700 25.79 -27.58 5.57
N TYR A 701 24.57 -27.93 5.14
CA TYR A 701 23.84 -27.14 4.15
C TYR A 701 22.42 -26.84 4.64
N LYS A 702 22.06 -25.56 4.66
CA LYS A 702 20.73 -25.14 5.07
C LYS A 702 19.98 -24.99 3.75
N ILE A 703 18.80 -25.58 3.65
CA ILE A 703 18.04 -25.53 2.40
C ILE A 703 16.64 -24.94 2.51
N ALA A 704 16.31 -24.09 1.53
CA ALA A 704 14.99 -23.48 1.46
C ALA A 704 14.50 -23.68 0.03
N TYR A 705 13.54 -24.59 -0.14
CA TYR A 705 13.00 -24.90 -1.47
C TYR A 705 11.52 -24.54 -1.54
N TYR A 706 11.10 -24.04 -2.69
CA TYR A 706 9.70 -23.69 -2.89
C TYR A 706 9.26 -23.97 -4.33
N ASN A 707 8.15 -24.71 -4.45
CA ASN A 707 7.57 -25.02 -5.75
C ASN A 707 6.40 -24.03 -5.86
N PRO A 708 6.59 -22.94 -6.60
CA PRO A 708 5.56 -21.91 -6.75
C PRO A 708 4.25 -22.35 -7.41
N GLU A 709 4.28 -23.39 -8.22
CA GLU A 709 3.08 -23.87 -8.90
C GLU A 709 2.13 -24.62 -7.98
N THR A 710 2.68 -25.46 -7.11
CA THR A 710 1.87 -26.22 -6.17
C THR A 710 1.80 -25.48 -4.84
N GLN A 711 2.61 -24.42 -4.71
CA GLN A 711 2.66 -23.63 -3.48
C GLN A 711 3.02 -24.53 -2.29
N GLU A 712 4.09 -25.30 -2.47
CA GLU A 712 4.58 -26.22 -1.45
C GLU A 712 6.10 -26.30 -1.46
N SER A 713 6.65 -26.66 -0.30
CA SER A 713 8.08 -26.87 -0.20
C SER A 713 8.20 -28.36 -0.48
N ALA A 714 9.24 -29.01 0.03
CA ALA A 714 9.41 -30.44 -0.18
C ALA A 714 10.50 -31.01 0.71
N PRO A 715 10.43 -32.32 1.02
CA PRO A 715 11.45 -32.96 1.87
C PRO A 715 12.81 -32.73 1.23
N ASP A 716 13.83 -32.50 2.04
CA ASP A 716 15.17 -32.24 1.53
C ASP A 716 15.71 -33.23 0.50
N GLN A 717 15.57 -34.52 0.78
CA GLN A 717 16.10 -35.54 -0.14
C GLN A 717 15.46 -35.57 -1.52
N GLU A 718 14.29 -34.96 -1.67
CA GLU A 718 13.61 -34.92 -2.95
C GLU A 718 14.20 -33.87 -3.90
N VAL A 719 14.78 -32.82 -3.33
CA VAL A 719 15.31 -31.73 -4.14
C VAL A 719 16.79 -31.42 -4.01
N PHE A 720 17.46 -32.00 -3.04
CA PHE A 720 18.88 -31.71 -2.80
C PHE A 720 19.72 -32.94 -2.51
N LYS A 721 20.94 -32.95 -3.01
CA LYS A 721 21.86 -34.06 -2.77
C LYS A 721 23.30 -33.54 -2.77
N LYS A 722 23.99 -33.71 -1.66
CA LYS A 722 25.38 -33.28 -1.56
C LYS A 722 26.25 -34.24 -2.35
N LEU A 723 27.33 -33.72 -2.94
CA LEU A 723 28.22 -34.56 -3.72
C LEU A 723 29.29 -35.21 -2.83
#